data_3J15
#
_entry.id   3J15
#
_cell.length_a   1.000
_cell.length_b   1.000
_cell.length_c   1.000
_cell.angle_alpha   90.00
_cell.angle_beta   90.00
_cell.angle_gamma   90.00
#
_symmetry.space_group_name_H-M   'P 1'
#
loop_
_entity.id
_entity.type
_entity.pdbx_description
1 polymer 'Protein pelota'
2 polymer 'ABC transporter ATP-binding protein'
3 non-polymer "ADENOSINE-5'-DIPHOSPHATE"
4 non-polymer 'IRON/SULFUR CLUSTER'
#
loop_
_entity_poly.entity_id
_entity_poly.type
_entity_poly.pdbx_seq_one_letter_code
_entity_poly.pdbx_strand_id
1 'polypeptide(L)'
;MEILEEKPKEGKVKVKAETLDDLWHLYHIIDPGDIVYAKTLRKQAQRADSLRAEKVEVIPVFLGVQAEKINFHKFANQVR
VTGPIVYASREDVPLGKYHTIAIEQGTVVTIQKPRWKEHHIERLKEAVAASKRARVMIVVIDDGEADMALVREYGVEILN
SIRHNLGGKRYNTDRESEEMKFFHDVAKTMEEVMKRENVEKAIVAGPGFVKEDFYKFLKEKYPELAKKVVIEDTSVTGRT
GIYEVIKRGVVDRVYQENRVAKEVQLVEKVLENIARNNGLVAYGLKEVEEAVNYGAVETLLVLDELLKGELREKVEELMD
AVRYSRGEVVVVSSEHEGGEKLKALGGLAALLRFRVK
;
A
2 'polypeptide(L)'
;MVRKMRIAVIDYDKCNPDKCGHFLCERVCPVNRMGGEAIIIDEENYKPIIQEASCTGCGICVHKCPFNAISIVNLPEQLD
EDCVHRYGVNAFVLYRLPIVKDGMVVGIVGPNGTGKTTAVKILAGQLIPNLCEDNDSWDNVIRAFRGNELQNYFERLKNG
EIRPVVKPQYVDLLPKAVKGKVRELLKKVDEVGKFEEVVKELELENVLDRELHQLSGGELQRVAIAAALLRKAHFYFFDE
PSSYLDIRQRLKVARVIRRLANEGKAVLVVEHDLAVLDYLSDVIHVVYGEPGVYGIFSKPKGTRNGINEFLQGYLKDENV
RFRPYEIRFTKLSERVDVERETLVEYPRLVKDYGSFKLEVEPGEIRKGEVIGIVGPNGIGKTTFVKMLAGVEEPTEGKVE
WDLTVAYKPQYIKAEYEGTVYELLSKIDSSKLNSNFYKTELLKPLGIIDLYDRNVEDLSGGELQRVAIAATLLRDADIYL
LDEPSAYLDVEQRLAVSRAIRHLMEKNEKTALVVEHDVLMIDYVSDRLIVFEGEPGRHGRALPPMGMREGMNRFLASVGI
TFRRDPDSGRPRANKEGSVKDREQKARGEYYYA
;
B
#
# COMPACT_ATOMS: atom_id res chain seq x y z
N MET A 1 -44.90 -3.09 -13.73
CA MET A 1 -45.50 -3.49 -15.04
C MET A 1 -46.58 -2.49 -15.58
N GLU A 2 -47.39 -2.83 -16.58
CA GLU A 2 -48.64 -2.07 -16.85
C GLU A 2 -49.77 -2.95 -16.53
N ILE A 3 -50.69 -2.44 -15.72
CA ILE A 3 -51.77 -3.18 -15.13
C ILE A 3 -52.95 -2.49 -15.57
N LEU A 4 -53.83 -3.24 -15.99
CA LEU A 4 -55.26 -2.99 -16.11
C LEU A 4 -56.04 -4.08 -15.36
N GLU A 5 -56.98 -3.64 -14.55
CA GLU A 5 -57.78 -4.54 -13.74
C GLU A 5 -59.18 -4.40 -14.36
N GLU A 6 -59.68 -5.50 -14.86
CA GLU A 6 -60.76 -5.51 -15.80
C GLU A 6 -61.93 -5.97 -15.13
N LYS A 7 -61.74 -6.56 -13.87
CA LYS A 7 -62.87 -7.17 -13.14
C LYS A 7 -62.61 -6.68 -11.70
N PRO A 8 -63.55 -6.06 -10.97
CA PRO A 8 -63.40 -5.75 -9.51
C PRO A 8 -63.14 -6.89 -8.55
N LYS A 9 -63.27 -8.18 -8.95
CA LYS A 9 -62.97 -9.32 -8.08
C LYS A 9 -61.65 -9.95 -8.39
N GLU A 10 -60.91 -9.51 -9.42
CA GLU A 10 -59.75 -10.11 -10.01
C GLU A 10 -60.07 -11.47 -10.52
N GLY A 11 -61.18 -11.50 -11.30
CA GLY A 11 -61.50 -12.63 -12.12
C GLY A 11 -60.99 -12.44 -13.49
N LYS A 12 -60.84 -11.10 -13.87
CA LYS A 12 -60.15 -10.72 -15.10
C LYS A 12 -59.18 -9.70 -14.63
N VAL A 13 -57.88 -9.97 -14.89
CA VAL A 13 -56.88 -8.93 -14.82
C VAL A 13 -56.17 -9.10 -16.08
N LYS A 14 -55.56 -8.04 -16.54
CA LYS A 14 -54.77 -7.97 -17.65
C LYS A 14 -53.49 -7.34 -17.15
N VAL A 15 -52.40 -8.21 -17.25
CA VAL A 15 -51.06 -7.89 -16.78
C VAL A 15 -50.03 -8.18 -17.89
N LYS A 16 -48.76 -7.74 -17.67
CA LYS A 16 -47.74 -7.69 -18.73
C LYS A 16 -46.46 -7.83 -17.98
N ALA A 17 -45.32 -7.90 -18.75
CA ALA A 17 -44.08 -8.08 -18.12
C ALA A 17 -43.26 -7.33 -19.09
N GLU A 18 -42.38 -6.44 -18.61
CA GLU A 18 -41.46 -5.77 -19.47
C GLU A 18 -40.05 -5.92 -19.04
N THR A 19 -39.88 -6.14 -17.71
CA THR A 19 -38.52 -6.10 -17.10
C THR A 19 -38.42 -7.22 -16.09
N LEU A 20 -37.14 -7.58 -15.71
CA LEU A 20 -36.83 -8.78 -14.98
C LEU A 20 -37.47 -8.88 -13.67
N ASP A 21 -37.59 -7.67 -12.96
CA ASP A 21 -38.20 -7.48 -11.80
C ASP A 21 -39.70 -7.66 -11.82
N ASP A 22 -40.38 -7.36 -12.97
CA ASP A 22 -41.81 -7.61 -13.21
C ASP A 22 -42.10 -9.08 -13.10
N LEU A 23 -41.21 -9.95 -13.70
CA LEU A 23 -41.39 -11.34 -13.59
C LEU A 23 -41.27 -11.81 -12.15
N TRP A 24 -40.36 -11.21 -11.41
CA TRP A 24 -40.19 -11.60 -10.01
C TRP A 24 -41.43 -11.31 -9.15
N HIS A 25 -42.07 -10.14 -9.48
CA HIS A 25 -43.43 -9.82 -9.04
C HIS A 25 -44.48 -10.83 -9.45
N LEU A 26 -44.50 -11.26 -10.66
CA LEU A 26 -45.48 -12.22 -11.17
C LEU A 26 -45.36 -13.59 -10.54
N TYR A 27 -44.11 -14.04 -10.23
CA TYR A 27 -43.66 -15.24 -9.52
C TYR A 27 -44.25 -15.25 -8.12
N HIS A 28 -44.14 -14.10 -7.42
CA HIS A 28 -44.35 -13.85 -6.02
C HIS A 28 -45.84 -13.89 -5.77
N ILE A 29 -46.68 -13.45 -6.73
CA ILE A 29 -48.11 -13.54 -6.63
C ILE A 29 -48.51 -15.00 -6.96
N ILE A 30 -48.04 -15.64 -8.07
CA ILE A 30 -48.61 -16.86 -8.58
C ILE A 30 -48.16 -18.04 -7.71
N ASP A 31 -49.18 -18.88 -7.40
CA ASP A 31 -49.08 -19.99 -6.46
C ASP A 31 -49.75 -21.13 -7.17
N PRO A 32 -49.69 -22.37 -6.62
CA PRO A 32 -50.60 -23.46 -6.66
C PRO A 32 -52.01 -23.10 -6.41
N GLY A 33 -52.96 -23.73 -7.15
CA GLY A 33 -54.32 -23.26 -7.05
C GLY A 33 -54.64 -21.97 -7.69
N ASP A 34 -54.06 -21.69 -8.88
CA ASP A 34 -54.49 -20.56 -9.66
C ASP A 34 -54.67 -21.20 -11.07
N ILE A 35 -55.44 -20.48 -11.99
CA ILE A 35 -55.44 -20.81 -13.34
C ILE A 35 -55.09 -19.47 -13.99
N VAL A 36 -54.18 -19.47 -14.95
CA VAL A 36 -53.79 -18.35 -15.77
C VAL A 36 -54.14 -18.59 -17.19
N TYR A 37 -54.71 -17.57 -17.78
CA TYR A 37 -55.13 -17.72 -19.05
C TYR A 37 -54.24 -16.68 -19.66
N ALA A 38 -54.19 -16.74 -20.92
CA ALA A 38 -53.03 -16.18 -21.47
C ALA A 38 -53.41 -16.27 -22.81
N LYS A 39 -52.39 -16.28 -23.60
CA LYS A 39 -52.57 -16.35 -25.01
C LYS A 39 -51.37 -16.89 -25.73
N THR A 40 -51.15 -18.20 -25.62
CA THR A 40 -49.99 -18.89 -26.15
C THR A 40 -50.22 -19.58 -27.45
N LEU A 41 -49.66 -20.81 -27.58
CA LEU A 41 -49.86 -21.64 -28.70
C LEU A 41 -49.37 -23.01 -28.29
N ARG A 42 -50.24 -24.05 -28.37
CA ARG A 42 -49.82 -25.42 -28.26
C ARG A 42 -50.22 -26.36 -29.35
N LYS A 43 -49.27 -27.04 -29.99
CA LYS A 43 -49.46 -27.85 -31.16
C LYS A 43 -49.86 -29.24 -30.92
N GLN A 44 -49.94 -30.02 -32.06
CA GLN A 44 -50.54 -31.39 -32.05
C GLN A 44 -49.52 -32.43 -32.21
N ALA A 45 -49.62 -33.42 -33.18
CA ALA A 45 -48.53 -34.36 -33.34
C ALA A 45 -48.72 -35.23 -34.49
N GLN A 46 -49.98 -35.69 -34.69
CA GLN A 46 -50.57 -36.29 -35.86
C GLN A 46 -49.86 -36.14 -37.27
N ARG A 47 -49.96 -37.10 -38.25
CA ARG A 47 -50.65 -38.29 -38.25
C ARG A 47 -49.62 -39.31 -38.54
N ALA A 48 -50.03 -40.32 -39.31
CA ALA A 48 -49.32 -41.56 -39.27
C ALA A 48 -50.08 -42.59 -40.00
N ASP A 49 -49.38 -43.68 -40.43
CA ASP A 49 -50.00 -44.75 -41.18
C ASP A 49 -50.67 -45.76 -40.47
N SER A 50 -50.15 -46.91 -40.72
CA SER A 50 -50.59 -48.04 -40.08
C SER A 50 -49.63 -48.08 -38.94
N LEU A 51 -48.36 -47.62 -39.18
CA LEU A 51 -47.35 -47.72 -38.18
C LEU A 51 -46.96 -46.33 -37.78
N ARG A 52 -45.66 -45.98 -37.96
CA ARG A 52 -45.09 -44.75 -37.46
C ARG A 52 -44.19 -44.20 -38.51
N ALA A 53 -44.35 -42.90 -38.85
CA ALA A 53 -43.49 -42.26 -39.82
C ALA A 53 -43.14 -40.90 -39.32
N GLU A 54 -42.82 -39.97 -40.26
CA GLU A 54 -42.45 -38.62 -39.93
C GLU A 54 -43.57 -37.74 -40.31
N LYS A 55 -43.75 -36.61 -39.56
CA LYS A 55 -44.77 -35.59 -39.73
C LYS A 55 -45.08 -34.96 -38.38
N VAL A 56 -45.29 -33.59 -38.37
CA VAL A 56 -45.62 -32.80 -37.19
C VAL A 56 -46.44 -31.60 -37.65
N GLU A 57 -46.78 -30.65 -36.72
CA GLU A 57 -47.69 -29.52 -36.92
C GLU A 57 -47.64 -28.56 -35.79
N VAL A 58 -48.45 -27.46 -35.95
CA VAL A 58 -48.56 -26.39 -35.02
C VAL A 58 -49.95 -25.76 -35.15
N ILE A 59 -50.42 -24.70 -34.33
CA ILE A 59 -51.83 -24.18 -34.28
C ILE A 59 -51.62 -22.78 -33.67
N PRO A 60 -52.63 -21.97 -33.30
CA PRO A 60 -52.37 -20.68 -32.56
C PRO A 60 -53.41 -20.52 -31.36
N VAL A 61 -53.71 -19.23 -30.86
CA VAL A 61 -54.84 -18.89 -29.98
C VAL A 61 -54.44 -18.92 -28.54
N PHE A 62 -55.24 -18.64 -27.55
CA PHE A 62 -55.12 -18.63 -26.12
C PHE A 62 -55.18 -20.03 -25.47
N LEU A 63 -55.96 -20.17 -24.33
CA LEU A 63 -56.03 -21.31 -23.31
C LEU A 63 -55.99 -20.83 -21.88
N GLY A 64 -56.01 -21.85 -20.93
CA GLY A 64 -55.63 -21.76 -19.57
C GLY A 64 -54.96 -23.02 -19.08
N VAL A 65 -53.95 -22.86 -18.14
CA VAL A 65 -53.26 -24.00 -17.59
C VAL A 65 -53.47 -23.90 -16.07
N GLN A 66 -53.72 -25.03 -15.36
CA GLN A 66 -53.72 -25.10 -13.92
C GLN A 66 -52.33 -25.02 -13.32
N ALA A 67 -52.21 -24.54 -12.08
CA ALA A 67 -50.99 -24.37 -11.44
C ALA A 67 -50.75 -25.71 -10.71
N GLU A 68 -49.54 -26.23 -10.96
CA GLU A 68 -49.09 -27.43 -10.39
C GLU A 68 -47.67 -27.42 -9.92
N LYS A 69 -46.86 -26.49 -10.51
CA LYS A 69 -45.53 -26.22 -10.07
C LYS A 69 -45.41 -24.85 -10.68
N ILE A 70 -44.45 -24.06 -10.09
CA ILE A 70 -44.21 -22.65 -10.42
C ILE A 70 -42.73 -22.53 -10.48
N ASN A 71 -42.10 -22.35 -11.64
CA ASN A 71 -40.70 -22.46 -11.81
C ASN A 71 -40.24 -21.26 -12.55
N PHE A 72 -38.96 -20.87 -12.29
CA PHE A 72 -38.54 -19.53 -12.60
C PHE A 72 -37.19 -19.86 -13.26
N HIS A 73 -37.03 -19.33 -14.47
CA HIS A 73 -35.90 -19.64 -15.34
C HIS A 73 -35.18 -18.47 -15.83
N LYS A 74 -33.82 -18.52 -15.71
CA LYS A 74 -32.94 -17.49 -16.09
C LYS A 74 -32.48 -17.69 -17.59
N PHE A 75 -31.94 -16.68 -18.27
CA PHE A 75 -31.47 -16.71 -19.61
C PHE A 75 -32.65 -17.10 -20.60
N ALA A 76 -33.78 -16.51 -20.41
CA ALA A 76 -35.08 -16.93 -20.97
C ALA A 76 -36.05 -15.82 -20.47
N ASN A 77 -35.95 -15.47 -19.13
CA ASN A 77 -36.77 -14.46 -18.48
C ASN A 77 -38.19 -14.80 -18.50
N GLN A 78 -38.52 -16.02 -18.08
CA GLN A 78 -39.78 -16.69 -18.30
C GLN A 78 -40.18 -17.53 -17.07
N VAL A 79 -41.43 -17.33 -16.59
CA VAL A 79 -41.90 -18.12 -15.48
C VAL A 79 -42.75 -19.22 -16.00
N ARG A 80 -42.25 -20.48 -15.90
CA ARG A 80 -43.03 -21.55 -16.45
C ARG A 80 -43.98 -22.00 -15.37
N VAL A 81 -45.20 -22.35 -15.80
CA VAL A 81 -46.19 -23.03 -14.96
C VAL A 81 -46.80 -24.15 -15.86
N THR A 82 -46.76 -25.37 -15.28
CA THR A 82 -47.08 -26.58 -16.00
C THR A 82 -48.24 -27.30 -15.36
N GLY A 83 -48.94 -28.07 -16.19
CA GLY A 83 -49.88 -29.03 -15.68
C GLY A 83 -51.02 -28.97 -16.66
N PRO A 84 -52.23 -29.29 -16.21
CA PRO A 84 -53.21 -29.80 -17.10
C PRO A 84 -54.03 -28.73 -17.77
N ILE A 85 -54.51 -29.06 -19.03
CA ILE A 85 -55.36 -28.17 -19.81
C ILE A 85 -56.77 -28.23 -19.29
N VAL A 86 -57.61 -27.18 -19.53
CA VAL A 86 -59.01 -27.20 -19.08
C VAL A 86 -59.80 -26.19 -19.82
N TYR A 87 -59.03 -25.37 -20.58
CA TYR A 87 -59.64 -24.46 -21.53
C TYR A 87 -58.93 -24.45 -22.86
N ALA A 88 -59.70 -24.64 -24.02
CA ALA A 88 -59.15 -24.40 -25.32
C ALA A 88 -60.36 -24.23 -26.21
N SER A 89 -60.02 -23.94 -27.50
CA SER A 89 -60.98 -24.03 -28.59
C SER A 89 -61.01 -25.54 -28.92
N ARG A 90 -62.20 -25.87 -29.35
CA ARG A 90 -62.64 -27.16 -29.71
C ARG A 90 -63.22 -26.78 -31.10
N GLU A 91 -62.53 -27.31 -32.13
CA GLU A 91 -62.95 -27.13 -33.51
C GLU A 91 -62.25 -28.21 -34.28
N ASP A 92 -61.45 -28.96 -33.56
CA ASP A 92 -60.45 -29.89 -34.00
C ASP A 92 -60.55 -30.97 -32.94
N VAL A 93 -61.10 -30.65 -31.72
CA VAL A 93 -61.14 -31.45 -30.53
C VAL A 93 -59.73 -31.79 -30.03
N PRO A 94 -58.96 -30.84 -29.38
CA PRO A 94 -57.53 -31.03 -29.10
C PRO A 94 -57.29 -31.22 -27.65
N LEU A 95 -58.36 -31.26 -26.84
CA LEU A 95 -58.41 -31.51 -25.38
C LEU A 95 -57.91 -32.98 -25.08
N GLY A 96 -57.36 -33.11 -23.83
CA GLY A 96 -56.96 -34.38 -23.39
C GLY A 96 -55.50 -34.46 -23.23
N LYS A 97 -54.82 -33.34 -22.80
CA LYS A 97 -53.44 -33.27 -22.76
C LYS A 97 -53.15 -32.15 -21.72
N TYR A 98 -51.86 -31.91 -21.42
CA TYR A 98 -51.21 -30.90 -20.59
C TYR A 98 -50.47 -30.07 -21.58
N HIS A 99 -49.79 -29.01 -21.02
CA HIS A 99 -49.59 -27.82 -21.79
C HIS A 99 -49.03 -26.92 -20.81
N THR A 100 -47.71 -26.64 -21.02
CA THR A 100 -46.91 -25.69 -20.29
C THR A 100 -47.13 -24.38 -21.00
N ILE A 101 -46.83 -23.27 -20.29
CA ILE A 101 -46.89 -21.97 -20.84
C ILE A 101 -46.17 -21.12 -19.90
N ALA A 102 -45.73 -19.98 -20.45
CA ALA A 102 -44.89 -18.99 -19.84
C ALA A 102 -45.66 -17.67 -19.82
N ILE A 103 -45.72 -16.97 -18.67
CA ILE A 103 -46.33 -15.65 -18.47
C ILE A 103 -45.25 -14.65 -18.91
N GLU A 104 -45.65 -13.76 -19.82
CA GLU A 104 -44.77 -12.77 -20.47
C GLU A 104 -45.62 -11.54 -20.64
N GLN A 105 -45.07 -10.62 -21.36
CA GLN A 105 -45.66 -9.50 -22.10
C GLN A 105 -46.80 -9.98 -22.98
N GLY A 106 -47.71 -9.01 -23.19
CA GLY A 106 -49.04 -9.34 -23.76
C GLY A 106 -49.89 -9.73 -22.59
N THR A 107 -51.18 -10.04 -22.85
CA THR A 107 -52.24 -10.44 -21.87
C THR A 107 -51.96 -11.68 -21.07
N VAL A 108 -52.14 -11.64 -19.77
CA VAL A 108 -51.99 -12.77 -18.87
C VAL A 108 -53.06 -12.47 -17.88
N VAL A 109 -53.97 -13.44 -17.65
CA VAL A 109 -55.09 -13.25 -16.77
C VAL A 109 -54.73 -14.07 -15.59
N THR A 110 -55.19 -13.68 -14.40
CA THR A 110 -54.93 -14.42 -13.23
C THR A 110 -56.26 -14.37 -12.45
N ILE A 111 -56.55 -15.49 -11.85
CA ILE A 111 -57.64 -15.67 -10.95
C ILE A 111 -57.31 -16.74 -9.91
N GLN A 112 -57.93 -16.66 -8.77
CA GLN A 112 -57.78 -17.56 -7.67
C GLN A 112 -59.16 -17.90 -7.22
N LYS A 113 -59.62 -19.17 -7.33
CA LYS A 113 -60.96 -19.63 -6.95
C LYS A 113 -61.30 -19.45 -5.47
N PRO A 114 -60.49 -19.83 -4.43
CA PRO A 114 -60.72 -19.52 -3.08
C PRO A 114 -60.56 -18.01 -2.75
N ARG A 115 -60.10 -17.21 -3.66
CA ARG A 115 -60.16 -15.79 -3.66
C ARG A 115 -59.01 -15.12 -2.99
N TRP A 116 -58.42 -14.18 -3.69
CA TRP A 116 -57.20 -13.51 -3.27
C TRP A 116 -57.26 -12.75 -1.97
N LYS A 117 -56.02 -12.63 -1.33
CA LYS A 117 -55.81 -11.91 -0.19
C LYS A 117 -55.50 -10.51 -0.53
N GLU A 118 -55.35 -9.67 0.50
CA GLU A 118 -55.05 -8.27 0.48
C GLU A 118 -53.62 -8.11 0.05
N HIS A 119 -52.74 -8.99 0.55
CA HIS A 119 -51.36 -9.04 0.22
C HIS A 119 -51.16 -9.32 -1.26
N HIS A 120 -51.90 -10.26 -1.79
CA HIS A 120 -51.79 -10.56 -3.20
C HIS A 120 -52.15 -9.41 -4.11
N ILE A 121 -53.35 -8.73 -3.99
CA ILE A 121 -53.77 -7.63 -4.78
C ILE A 121 -52.74 -6.50 -4.63
N GLU A 122 -52.24 -6.31 -3.37
CA GLU A 122 -51.24 -5.26 -3.02
C GLU A 122 -49.93 -5.48 -3.81
N ARG A 123 -49.44 -6.77 -3.86
CA ARG A 123 -48.16 -7.08 -4.48
C ARG A 123 -48.14 -6.65 -5.91
N LEU A 124 -49.25 -6.92 -6.61
CA LEU A 124 -49.50 -6.61 -8.07
C LEU A 124 -49.25 -5.06 -8.29
N LYS A 125 -50.10 -4.35 -7.56
CA LYS A 125 -50.15 -2.88 -7.57
C LYS A 125 -48.86 -2.22 -6.98
N GLU A 126 -47.93 -3.02 -6.44
CA GLU A 126 -46.74 -2.53 -5.84
C GLU A 126 -45.85 -1.92 -6.92
N ALA A 127 -45.51 -2.62 -8.01
CA ALA A 127 -45.06 -2.17 -9.29
C ALA A 127 -46.17 -1.27 -9.88
N VAL A 128 -45.77 -0.03 -10.26
CA VAL A 128 -46.63 1.07 -10.56
C VAL A 128 -46.89 1.07 -12.03
N ALA A 129 -48.22 1.22 -12.49
CA ALA A 129 -48.66 0.96 -13.84
C ALA A 129 -48.17 2.01 -14.80
N ALA A 130 -48.30 3.28 -14.34
CA ALA A 130 -47.92 4.40 -15.10
C ALA A 130 -46.45 4.39 -15.42
N SER A 131 -45.57 4.17 -14.45
CA SER A 131 -44.15 4.43 -14.65
C SER A 131 -43.58 4.47 -13.26
N LYS A 132 -42.60 3.56 -12.95
CA LYS A 132 -41.65 3.55 -11.86
C LYS A 132 -40.42 4.38 -12.11
N ARG A 133 -40.02 4.73 -13.40
CA ARG A 133 -39.07 5.74 -13.70
C ARG A 133 -37.69 5.26 -13.82
N ALA A 134 -36.86 6.00 -14.61
CA ALA A 134 -35.45 5.77 -14.75
C ALA A 134 -34.86 7.02 -15.30
N ARG A 135 -35.75 7.95 -15.74
CA ARG A 135 -35.34 9.11 -16.54
C ARG A 135 -35.37 8.78 -18.01
N VAL A 136 -36.45 8.96 -18.86
CA VAL A 136 -37.81 9.20 -18.56
C VAL A 136 -37.92 10.72 -18.10
N MET A 137 -37.64 11.63 -19.05
CA MET A 137 -37.71 13.07 -18.91
C MET A 137 -36.72 13.50 -19.95
N ILE A 138 -37.26 13.85 -21.14
CA ILE A 138 -36.56 14.33 -22.31
C ILE A 138 -37.33 15.44 -22.87
N VAL A 139 -36.63 16.53 -23.38
CA VAL A 139 -37.26 17.71 -23.98
C VAL A 139 -36.67 17.84 -25.42
N VAL A 140 -37.43 18.52 -26.32
CA VAL A 140 -36.94 18.91 -27.57
C VAL A 140 -37.61 20.24 -27.84
N ILE A 141 -36.75 21.26 -28.12
CA ILE A 141 -37.15 22.62 -28.17
C ILE A 141 -36.53 23.17 -29.47
N ASP A 142 -37.48 23.40 -30.45
CA ASP A 142 -37.21 23.69 -31.87
C ASP A 142 -37.98 24.93 -32.00
N ASP A 143 -38.01 25.54 -33.23
CA ASP A 143 -38.53 26.88 -33.46
C ASP A 143 -40.08 26.77 -33.42
N GLY A 144 -40.65 25.62 -33.95
CA GLY A 144 -42.05 25.48 -34.19
C GLY A 144 -42.78 25.07 -32.98
N GLU A 145 -42.14 24.41 -31.99
CA GLU A 145 -42.85 23.83 -30.87
C GLU A 145 -41.85 23.63 -29.78
N ALA A 146 -42.37 23.31 -28.55
CA ALA A 146 -41.60 22.98 -27.40
C ALA A 146 -42.34 21.67 -27.07
N ASP A 147 -41.61 20.61 -26.73
CA ASP A 147 -42.01 19.24 -26.43
C ASP A 147 -41.16 18.76 -25.29
N MET A 148 -41.47 17.57 -24.70
CA MET A 148 -41.28 17.32 -23.30
C MET A 148 -42.16 16.15 -23.09
N ALA A 149 -41.54 15.04 -22.69
CA ALA A 149 -42.09 13.74 -22.71
C ALA A 149 -41.73 12.95 -21.54
N LEU A 150 -42.63 11.96 -21.26
CA LEU A 150 -42.36 10.90 -20.30
C LEU A 150 -42.56 9.58 -21.06
N VAL A 151 -41.39 8.92 -21.31
CA VAL A 151 -41.19 7.72 -22.09
C VAL A 151 -40.70 6.73 -21.11
N ARG A 152 -41.65 5.87 -20.61
CA ARG A 152 -41.29 4.79 -19.78
C ARG A 152 -41.48 3.55 -20.70
N GLU A 153 -41.01 2.40 -20.22
CA GLU A 153 -41.19 1.12 -20.81
C GLU A 153 -42.68 0.74 -20.78
N TYR A 154 -43.47 1.33 -19.86
CA TYR A 154 -44.86 0.84 -19.55
C TYR A 154 -45.74 1.74 -20.37
N GLY A 155 -45.17 2.76 -21.12
CA GLY A 155 -45.98 3.53 -21.98
C GLY A 155 -45.37 4.88 -22.18
N VAL A 156 -45.89 5.68 -23.08
CA VAL A 156 -45.00 6.64 -23.86
C VAL A 156 -45.96 7.75 -24.25
N GLU A 157 -45.64 9.04 -23.96
CA GLU A 157 -46.60 10.18 -24.12
C GLU A 157 -45.78 11.39 -24.02
N ILE A 158 -45.84 12.32 -25.02
CA ILE A 158 -45.38 13.71 -24.98
C ILE A 158 -46.35 14.41 -24.00
N LEU A 159 -45.76 14.90 -22.85
CA LEU A 159 -46.42 15.52 -21.73
C LEU A 159 -46.88 16.88 -22.10
N ASN A 160 -46.04 17.73 -22.75
CA ASN A 160 -46.42 19.05 -23.33
C ASN A 160 -46.19 18.98 -24.82
N SER A 161 -47.07 19.67 -25.60
CA SER A 161 -47.03 19.70 -27.04
C SER A 161 -47.38 21.15 -27.39
N ILE A 162 -47.26 22.12 -26.45
CA ILE A 162 -47.35 23.59 -26.57
C ILE A 162 -46.61 24.11 -27.83
N ARG A 163 -47.07 25.17 -28.41
CA ARG A 163 -46.42 25.68 -29.59
C ARG A 163 -45.85 26.99 -29.26
N HIS A 164 -44.71 27.37 -29.84
CA HIS A 164 -44.12 28.72 -29.73
C HIS A 164 -44.95 29.78 -30.35
N ASN A 165 -45.36 29.44 -31.60
CA ASN A 165 -46.20 30.21 -32.42
C ASN A 165 -45.45 31.32 -32.99
N LEU A 166 -44.17 31.05 -33.43
CA LEU A 166 -43.27 32.10 -33.59
C LEU A 166 -42.22 31.38 -34.38
N GLY A 167 -41.27 32.19 -34.93
CA GLY A 167 -40.09 31.68 -35.59
C GLY A 167 -38.93 31.67 -34.72
N GLY A 168 -37.84 31.19 -35.17
CA GLY A 168 -36.53 31.46 -34.66
C GLY A 168 -35.98 32.79 -35.11
N LYS A 169 -36.31 33.09 -36.36
CA LYS A 169 -35.70 34.24 -36.99
C LYS A 169 -36.53 34.48 -38.27
N ARG A 170 -37.56 33.68 -38.58
CA ARG A 170 -38.13 33.65 -39.93
C ARG A 170 -39.18 34.72 -40.12
N TYR A 171 -39.85 35.14 -39.03
CA TYR A 171 -40.98 36.10 -39.09
C TYR A 171 -40.43 37.50 -39.12
N ASN A 172 -39.33 37.79 -38.45
CA ASN A 172 -38.73 39.05 -38.40
C ASN A 172 -37.31 38.81 -37.95
N THR A 173 -36.96 39.16 -36.69
CA THR A 173 -35.70 38.75 -36.07
C THR A 173 -36.14 37.73 -34.97
N ASP A 174 -37.44 37.69 -34.60
CA ASP A 174 -38.01 37.00 -33.40
C ASP A 174 -37.11 36.94 -32.16
N ARG A 175 -36.87 38.14 -31.54
CA ARG A 175 -36.14 38.24 -30.27
C ARG A 175 -37.12 39.08 -29.43
N GLU A 176 -38.43 38.82 -29.69
CA GLU A 176 -39.54 39.35 -28.97
C GLU A 176 -39.47 39.42 -27.51
N SER A 177 -40.46 40.12 -26.90
CA SER A 177 -40.66 40.15 -25.41
C SER A 177 -41.80 39.16 -25.09
N GLU A 178 -42.28 38.49 -26.15
CA GLU A 178 -43.18 37.38 -26.08
C GLU A 178 -42.45 36.05 -26.35
N GLU A 179 -41.13 36.08 -26.32
CA GLU A 179 -40.22 34.99 -26.61
C GLU A 179 -39.48 34.87 -25.36
N MET A 180 -39.10 36.03 -24.79
CA MET A 180 -38.58 36.08 -23.45
C MET A 180 -39.67 35.51 -22.50
N LYS A 181 -40.97 35.96 -22.68
CA LYS A 181 -42.10 35.45 -21.93
C LYS A 181 -42.24 33.89 -22.05
N PHE A 182 -42.06 33.40 -23.32
CA PHE A 182 -42.24 32.03 -23.67
C PHE A 182 -41.23 31.12 -23.00
N PHE A 183 -39.99 31.55 -23.08
CA PHE A 183 -38.91 30.78 -22.51
C PHE A 183 -39.01 30.67 -21.04
N HIS A 184 -39.39 31.76 -20.35
CA HIS A 184 -39.67 31.72 -18.92
C HIS A 184 -40.67 30.74 -18.57
N ASP A 185 -41.78 30.60 -19.37
CA ASP A 185 -42.85 29.67 -19.17
C ASP A 185 -42.43 28.24 -19.27
N VAL A 186 -41.57 27.97 -20.34
CA VAL A 186 -41.03 26.68 -20.69
C VAL A 186 -40.22 26.10 -19.60
N ALA A 187 -39.29 26.93 -19.07
CA ALA A 187 -38.45 26.70 -17.92
C ALA A 187 -39.15 26.41 -16.63
N LYS A 188 -40.22 27.16 -16.33
CA LYS A 188 -41.06 26.95 -15.20
C LYS A 188 -41.77 25.59 -15.17
N THR A 189 -42.50 25.24 -16.25
CA THR A 189 -43.30 24.02 -16.45
C THR A 189 -42.43 22.77 -16.36
N MET A 190 -41.21 22.82 -16.98
CA MET A 190 -40.22 21.79 -16.95
C MET A 190 -39.69 21.61 -15.52
N GLU A 191 -39.49 22.71 -14.82
CA GLU A 191 -38.89 22.76 -13.47
C GLU A 191 -39.74 22.15 -12.47
N GLU A 192 -41.04 22.35 -12.55
CA GLU A 192 -42.08 21.83 -11.68
C GLU A 192 -42.28 20.32 -11.95
N VAL A 193 -42.43 19.94 -13.23
CA VAL A 193 -42.45 18.49 -13.53
C VAL A 193 -41.23 17.74 -13.14
N MET A 194 -40.02 18.28 -13.36
CA MET A 194 -38.81 17.55 -13.12
C MET A 194 -38.60 17.11 -11.67
N LYS A 195 -38.93 18.06 -10.80
CA LYS A 195 -38.92 17.93 -9.37
C LYS A 195 -39.98 16.90 -8.88
N ARG A 196 -41.16 16.97 -9.47
CA ARG A 196 -42.35 16.21 -9.03
C ARG A 196 -42.12 14.73 -9.30
N GLU A 197 -41.62 14.38 -10.50
CA GLU A 197 -41.22 13.07 -10.96
C GLU A 197 -39.88 12.58 -10.40
N ASN A 198 -39.06 13.50 -9.89
CA ASN A 198 -37.84 13.22 -9.07
C ASN A 198 -36.68 12.58 -9.77
N VAL A 199 -36.65 12.79 -11.13
CA VAL A 199 -35.52 12.49 -12.04
C VAL A 199 -35.00 13.75 -12.62
N GLU A 200 -33.66 13.93 -12.48
CA GLU A 200 -33.06 15.28 -12.47
C GLU A 200 -32.12 15.48 -13.66
N LYS A 201 -32.61 15.39 -14.96
CA LYS A 201 -31.92 16.00 -16.10
C LYS A 201 -32.92 16.04 -17.17
N ALA A 202 -32.66 16.97 -18.15
CA ALA A 202 -33.26 16.88 -19.42
C ALA A 202 -32.25 17.26 -20.43
N ILE A 203 -32.52 16.64 -21.59
CA ILE A 203 -31.58 16.74 -22.72
C ILE A 203 -32.29 17.71 -23.60
N VAL A 204 -31.67 18.85 -23.94
CA VAL A 204 -32.25 19.75 -24.94
C VAL A 204 -31.41 19.56 -26.18
N ALA A 205 -32.15 19.54 -27.25
CA ALA A 205 -31.69 19.24 -28.53
C ALA A 205 -32.54 20.08 -29.52
N GLY A 206 -32.16 20.11 -30.79
CA GLY A 206 -32.85 21.08 -31.70
C GLY A 206 -31.95 21.42 -32.87
N PRO A 207 -32.46 22.40 -33.66
CA PRO A 207 -31.69 22.76 -34.75
C PRO A 207 -30.84 24.00 -34.34
N GLY A 208 -29.76 24.22 -35.14
CA GLY A 208 -29.07 25.48 -35.35
C GLY A 208 -28.57 26.03 -34.02
N PHE A 209 -28.85 27.29 -33.78
CA PHE A 209 -28.56 27.93 -32.51
C PHE A 209 -29.38 27.43 -31.35
N VAL A 210 -30.70 27.08 -31.58
CA VAL A 210 -31.82 27.14 -30.63
C VAL A 210 -31.68 26.45 -29.30
N LYS A 211 -31.08 25.21 -29.33
CA LYS A 211 -30.80 24.36 -28.22
C LYS A 211 -29.88 24.99 -27.30
N GLU A 212 -28.79 25.58 -27.81
CA GLU A 212 -27.78 26.29 -27.02
C GLU A 212 -28.40 27.56 -26.31
N ASP A 213 -29.24 28.25 -27.09
CA ASP A 213 -29.82 29.51 -26.81
C ASP A 213 -30.57 29.41 -25.51
N PHE A 214 -31.37 28.31 -25.48
CA PHE A 214 -32.18 27.87 -24.35
C PHE A 214 -31.44 27.46 -23.04
N TYR A 215 -30.32 26.70 -23.11
CA TYR A 215 -29.46 26.32 -22.00
C TYR A 215 -28.84 27.47 -21.35
N LYS A 216 -28.36 28.42 -22.18
CA LYS A 216 -27.82 29.72 -21.74
C LYS A 216 -28.84 30.50 -20.91
N PHE A 217 -30.09 30.55 -21.39
CA PHE A 217 -31.22 31.21 -20.75
C PHE A 217 -31.54 30.53 -19.46
N LEU A 218 -31.46 29.13 -19.41
CA LEU A 218 -31.80 28.40 -18.17
C LEU A 218 -30.82 28.66 -17.05
N LYS A 219 -29.52 28.75 -17.37
CA LYS A 219 -28.45 28.92 -16.41
C LYS A 219 -28.60 30.35 -15.90
N GLU A 220 -28.83 31.30 -16.80
CA GLU A 220 -28.93 32.76 -16.52
C GLU A 220 -30.09 33.11 -15.65
N LYS A 221 -31.26 32.52 -15.85
CA LYS A 221 -32.49 32.65 -15.08
C LYS A 221 -32.35 32.24 -13.65
N TYR A 222 -32.01 31.01 -13.39
CA TYR A 222 -31.91 30.41 -12.05
C TYR A 222 -30.79 29.39 -12.08
N PRO A 223 -30.15 28.99 -11.04
CA PRO A 223 -29.21 27.93 -11.04
C PRO A 223 -29.93 26.62 -11.26
N GLU A 224 -29.40 25.72 -12.07
CA GLU A 224 -30.12 24.65 -12.60
C GLU A 224 -30.20 23.53 -11.58
N LEU A 225 -30.89 22.49 -11.94
CA LEU A 225 -31.13 21.20 -11.27
C LEU A 225 -30.37 20.13 -11.94
N ALA A 226 -29.39 20.55 -12.77
CA ALA A 226 -28.63 19.67 -13.62
C ALA A 226 -29.31 19.79 -14.94
N LYS A 227 -28.55 20.17 -15.96
CA LYS A 227 -29.05 20.32 -17.31
C LYS A 227 -27.86 19.97 -18.15
N LYS A 228 -28.08 19.36 -19.26
CA LYS A 228 -27.03 19.18 -20.29
C LYS A 228 -27.68 19.34 -21.61
N VAL A 229 -26.83 19.93 -22.49
CA VAL A 229 -27.04 19.98 -23.90
C VAL A 229 -26.14 18.86 -24.57
N VAL A 230 -26.87 18.13 -25.38
CA VAL A 230 -26.32 17.19 -26.28
C VAL A 230 -26.94 17.58 -27.66
N ILE A 231 -26.02 17.59 -28.65
CA ILE A 231 -26.30 17.81 -30.06
C ILE A 231 -27.39 16.87 -30.56
N GLU A 232 -27.29 15.50 -30.29
CA GLU A 232 -28.20 14.43 -30.75
C GLU A 232 -28.61 14.67 -32.21
N ASP A 233 -29.70 13.98 -32.66
CA ASP A 233 -30.20 14.15 -34.01
C ASP A 233 -31.63 14.60 -33.84
N THR A 234 -31.88 15.73 -34.58
CA THR A 234 -33.13 16.44 -34.66
C THR A 234 -33.05 17.06 -36.07
N SER A 235 -34.25 17.07 -36.70
CA SER A 235 -34.55 17.53 -38.07
C SER A 235 -35.97 17.09 -38.39
N VAL A 236 -36.73 16.81 -37.30
CA VAL A 236 -38.11 16.51 -37.09
C VAL A 236 -38.41 16.84 -35.63
N THR A 237 -39.76 17.00 -35.36
CA THR A 237 -40.31 17.34 -34.09
C THR A 237 -41.56 16.51 -33.99
N GLY A 238 -42.52 16.76 -33.07
CA GLY A 238 -43.58 15.84 -32.76
C GLY A 238 -43.13 14.59 -32.21
N ARG A 239 -44.03 13.54 -32.13
CA ARG A 239 -43.75 12.20 -31.51
C ARG A 239 -42.46 11.61 -32.11
N THR A 240 -42.20 11.89 -33.42
CA THR A 240 -41.05 11.13 -34.06
C THR A 240 -39.74 11.86 -33.81
N GLY A 241 -39.74 13.21 -33.51
CA GLY A 241 -38.56 13.99 -33.20
C GLY A 241 -38.03 13.64 -31.82
N ILE A 242 -38.91 13.53 -30.84
CA ILE A 242 -38.65 13.07 -29.48
C ILE A 242 -38.18 11.62 -29.55
N TYR A 243 -38.93 10.72 -30.26
CA TYR A 243 -38.51 9.35 -30.52
C TYR A 243 -37.11 9.20 -31.11
N GLU A 244 -36.72 10.09 -32.14
CA GLU A 244 -35.41 10.01 -32.76
C GLU A 244 -34.33 10.43 -31.78
N VAL A 245 -34.58 11.47 -30.95
CA VAL A 245 -33.66 11.91 -29.89
C VAL A 245 -33.43 10.80 -28.98
N ILE A 246 -34.43 10.00 -28.54
CA ILE A 246 -34.21 8.89 -27.60
C ILE A 246 -33.40 7.64 -28.12
N LYS A 247 -33.62 7.30 -29.40
CA LYS A 247 -33.18 6.03 -29.99
C LYS A 247 -31.67 5.89 -30.02
N ARG A 248 -30.93 6.86 -30.58
CA ARG A 248 -29.49 6.75 -30.78
C ARG A 248 -28.85 7.26 -29.49
N GLY A 249 -29.58 7.71 -28.53
CA GLY A 249 -29.20 8.39 -27.30
C GLY A 249 -29.19 7.47 -26.10
N VAL A 250 -28.07 6.66 -26.05
CA VAL A 250 -27.69 5.92 -24.85
C VAL A 250 -27.36 6.95 -23.75
N VAL A 251 -27.32 8.33 -24.00
CA VAL A 251 -27.39 9.37 -22.94
C VAL A 251 -28.24 9.08 -21.73
N ASP A 252 -29.46 8.56 -21.90
CA ASP A 252 -30.40 8.17 -20.87
C ASP A 252 -29.83 7.15 -20.00
N ARG A 253 -29.45 5.95 -20.52
CA ARG A 253 -28.86 4.90 -19.73
C ARG A 253 -27.63 5.31 -19.00
N VAL A 254 -26.63 5.93 -19.74
CA VAL A 254 -25.31 6.31 -19.18
C VAL A 254 -25.46 7.32 -18.06
N TYR A 255 -26.38 8.31 -18.12
CA TYR A 255 -26.52 9.35 -17.11
C TYR A 255 -27.05 8.82 -15.83
N GLN A 256 -28.09 7.94 -15.87
CA GLN A 256 -28.78 7.28 -14.80
C GLN A 256 -27.71 6.49 -14.05
N GLU A 257 -26.73 5.79 -14.68
CA GLU A 257 -25.65 5.16 -13.99
C GLU A 257 -24.75 6.04 -13.23
N ASN A 258 -24.36 7.17 -13.86
CA ASN A 258 -23.43 8.10 -13.26
C ASN A 258 -24.10 8.73 -12.01
N ARG A 259 -25.41 9.16 -12.02
CA ARG A 259 -26.08 9.70 -10.88
C ARG A 259 -26.12 8.71 -9.66
N VAL A 260 -26.40 7.39 -9.84
CA VAL A 260 -26.50 6.48 -8.76
C VAL A 260 -25.13 6.27 -8.06
N ALA A 261 -24.14 6.18 -8.92
CA ALA A 261 -22.76 5.94 -8.65
C ALA A 261 -22.19 7.01 -7.79
N LYS A 262 -22.65 8.27 -8.13
CA LYS A 262 -22.30 9.45 -7.36
C LYS A 262 -22.76 9.39 -5.99
N GLU A 263 -24.06 9.00 -5.75
CA GLU A 263 -24.59 8.89 -4.43
C GLU A 263 -23.94 7.94 -3.49
N VAL A 264 -23.57 6.70 -3.97
CA VAL A 264 -22.87 5.69 -3.20
C VAL A 264 -21.54 6.22 -2.70
N GLN A 265 -20.66 6.83 -3.59
CA GLN A 265 -19.25 7.21 -3.29
C GLN A 265 -19.28 8.47 -2.36
N LEU A 266 -20.27 9.41 -2.53
CA LEU A 266 -20.46 10.45 -1.59
C LEU A 266 -20.71 9.92 -0.16
N VAL A 267 -21.70 9.07 -0.04
CA VAL A 267 -21.90 8.35 1.17
C VAL A 267 -20.68 7.53 1.57
N GLU A 268 -20.00 6.83 0.70
CA GLU A 268 -18.84 5.97 0.99
C GLU A 268 -17.83 6.67 1.82
N LYS A 269 -17.42 7.91 1.44
CA LYS A 269 -16.42 8.72 2.08
C LYS A 269 -16.70 9.07 3.51
N VAL A 270 -17.99 9.35 3.70
CA VAL A 270 -18.66 9.67 4.94
C VAL A 270 -18.55 8.53 5.96
N LEU A 271 -18.77 7.31 5.49
CA LEU A 271 -18.67 6.05 6.31
C LEU A 271 -17.25 5.93 6.74
N GLU A 272 -16.22 6.30 5.90
CA GLU A 272 -14.85 6.15 6.26
C GLU A 272 -14.57 7.02 7.46
N ASN A 273 -14.90 8.31 7.33
CA ASN A 273 -14.66 9.33 8.29
C ASN A 273 -15.47 9.13 9.62
N ILE A 274 -16.70 8.57 9.52
CA ILE A 274 -17.56 8.19 10.67
C ILE A 274 -17.08 6.97 11.46
N ALA A 275 -16.37 6.06 10.77
CA ALA A 275 -15.89 4.88 11.42
C ALA A 275 -15.00 5.26 12.60
N ARG A 276 -14.21 6.31 12.51
CA ARG A 276 -13.32 6.94 13.51
C ARG A 276 -14.15 7.40 14.68
N ASN A 277 -15.32 7.99 14.46
CA ASN A 277 -16.22 8.48 15.52
C ASN A 277 -16.87 7.29 16.28
N ASN A 278 -16.84 7.38 17.60
CA ASN A 278 -17.28 6.33 18.48
C ASN A 278 -18.79 6.18 18.58
N GLY A 279 -19.29 5.06 17.97
CA GLY A 279 -20.63 4.63 18.11
C GLY A 279 -21.60 5.07 17.08
N LEU A 280 -21.10 5.70 16.05
CA LEU A 280 -21.98 6.33 15.04
C LEU A 280 -21.91 5.48 13.81
N VAL A 281 -20.84 4.66 13.62
CA VAL A 281 -20.81 3.64 12.58
C VAL A 281 -21.57 2.41 12.98
N ALA A 282 -22.40 1.88 12.08
CA ALA A 282 -22.93 0.58 12.25
C ALA A 282 -22.42 -0.15 11.06
N TYR A 283 -22.16 -1.44 11.28
CA TYR A 283 -21.74 -2.32 10.20
C TYR A 283 -21.46 -3.67 10.72
N GLY A 284 -21.88 -4.72 9.90
CA GLY A 284 -21.84 -6.01 10.55
C GLY A 284 -22.88 -6.80 11.16
N LEU A 285 -23.76 -7.63 10.45
CA LEU A 285 -25.19 -7.99 10.53
C LEU A 285 -25.82 -7.55 11.85
N LYS A 286 -25.18 -7.87 13.01
CA LYS A 286 -25.67 -7.68 14.39
C LYS A 286 -25.86 -6.20 14.71
N GLU A 287 -24.84 -5.40 14.44
CA GLU A 287 -24.76 -4.04 14.75
C GLU A 287 -25.80 -3.30 14.02
N VAL A 288 -25.88 -3.62 12.72
CA VAL A 288 -26.84 -2.96 11.83
C VAL A 288 -28.22 -3.39 12.20
N GLU A 289 -28.40 -4.65 12.53
CA GLU A 289 -29.74 -5.07 12.87
C GLU A 289 -30.08 -4.22 14.16
N GLU A 290 -29.09 -4.01 15.01
CA GLU A 290 -29.35 -3.33 16.23
C GLU A 290 -29.70 -1.75 16.08
N ALA A 291 -29.08 -1.05 15.16
CA ALA A 291 -29.49 0.32 15.02
C ALA A 291 -30.89 0.45 14.42
N VAL A 292 -31.19 -0.43 13.44
CA VAL A 292 -32.34 -0.27 12.57
C VAL A 292 -33.69 -0.40 13.34
N ASN A 293 -33.73 -1.36 14.36
CA ASN A 293 -34.79 -1.56 15.27
C ASN A 293 -34.96 -0.35 16.20
N TYR A 294 -33.84 0.34 16.62
CA TYR A 294 -33.87 1.44 17.60
C TYR A 294 -34.11 2.73 16.86
N GLY A 295 -34.04 2.62 15.51
CA GLY A 295 -34.58 3.66 14.61
C GLY A 295 -33.70 4.93 14.48
N ALA A 296 -32.38 4.74 14.27
CA ALA A 296 -31.39 5.73 14.37
C ALA A 296 -30.52 5.74 13.21
N VAL A 297 -30.82 4.92 12.21
CA VAL A 297 -30.12 4.88 10.95
C VAL A 297 -30.52 5.92 9.95
N GLU A 298 -29.62 6.74 9.53
CA GLU A 298 -29.82 7.83 8.69
C GLU A 298 -29.87 7.37 7.23
N THR A 299 -28.82 6.50 6.91
CA THR A 299 -28.64 5.93 5.54
C THR A 299 -28.29 4.44 5.61
N LEU A 300 -28.85 3.61 4.70
CA LEU A 300 -28.59 2.19 4.60
C LEU A 300 -28.06 2.01 3.17
N LEU A 301 -26.82 1.46 3.02
CA LEU A 301 -26.14 1.27 1.76
C LEU A 301 -25.95 -0.17 1.66
N VAL A 302 -26.49 -0.80 0.60
CA VAL A 302 -26.40 -2.27 0.44
C VAL A 302 -26.24 -2.50 -0.99
N LEU A 303 -25.31 -3.42 -1.42
CA LEU A 303 -25.12 -3.76 -2.78
C LEU A 303 -26.30 -4.60 -3.19
N ASP A 304 -26.75 -4.36 -4.44
CA ASP A 304 -27.95 -5.03 -4.94
C ASP A 304 -27.92 -6.59 -4.93
N GLU A 305 -26.72 -7.19 -5.00
CA GLU A 305 -26.55 -8.60 -4.90
C GLU A 305 -26.93 -9.16 -3.57
N LEU A 306 -26.67 -8.40 -2.49
CA LEU A 306 -27.19 -8.79 -1.20
C LEU A 306 -28.66 -8.85 -1.03
N LEU A 307 -29.48 -7.99 -1.73
CA LEU A 307 -30.92 -8.11 -1.92
C LEU A 307 -31.27 -9.39 -2.58
N LYS A 308 -30.47 -9.80 -3.63
CA LYS A 308 -30.70 -11.11 -4.24
C LYS A 308 -29.69 -12.15 -3.73
N GLY A 309 -29.54 -12.27 -2.37
CA GLY A 309 -28.56 -13.15 -1.85
C GLY A 309 -29.18 -14.44 -1.67
N GLU A 310 -29.03 -15.02 -0.43
CA GLU A 310 -29.54 -16.30 -0.06
C GLU A 310 -30.38 -16.10 1.18
N LEU A 311 -29.94 -15.09 2.02
CA LEU A 311 -30.76 -14.29 2.86
C LEU A 311 -31.19 -13.07 2.06
N ARG A 312 -32.50 -12.88 1.83
CA ARG A 312 -33.05 -11.81 1.01
C ARG A 312 -34.07 -11.04 1.87
N GLU A 313 -34.73 -11.77 2.75
CA GLU A 313 -35.85 -11.35 3.55
C GLU A 313 -35.43 -10.28 4.60
N LYS A 314 -34.41 -10.58 5.39
CA LYS A 314 -33.79 -9.69 6.38
C LYS A 314 -33.41 -8.32 5.89
N VAL A 315 -32.73 -8.25 4.73
CA VAL A 315 -32.25 -7.20 3.96
C VAL A 315 -33.30 -6.25 3.59
N GLU A 316 -34.34 -6.80 2.99
CA GLU A 316 -35.57 -6.04 2.70
C GLU A 316 -36.24 -5.45 3.92
N GLU A 317 -36.36 -6.19 5.02
CA GLU A 317 -36.96 -5.76 6.22
C GLU A 317 -36.21 -4.59 6.81
N LEU A 318 -34.83 -4.69 6.89
CA LEU A 318 -33.93 -3.71 7.45
C LEU A 318 -34.13 -2.41 6.73
N MET A 319 -34.29 -2.48 5.32
CA MET A 319 -34.53 -1.38 4.41
C MET A 319 -35.88 -0.84 4.69
N ASP A 320 -36.96 -1.70 4.93
CA ASP A 320 -38.37 -1.37 5.03
C ASP A 320 -38.53 -0.52 6.28
N ALA A 321 -37.86 -0.89 7.37
CA ALA A 321 -37.92 -0.31 8.69
C ALA A 321 -37.24 0.96 8.69
N VAL A 322 -36.11 1.07 7.90
CA VAL A 322 -35.40 2.32 7.81
C VAL A 322 -36.17 3.37 7.01
N ARG A 323 -36.79 3.07 5.90
CA ARG A 323 -37.55 3.92 4.97
C ARG A 323 -38.73 4.47 5.72
N TYR A 324 -39.48 3.62 6.46
CA TYR A 324 -40.59 4.00 7.42
C TYR A 324 -40.11 5.03 8.44
N SER A 325 -38.86 4.91 8.98
CA SER A 325 -38.21 5.85 9.93
C SER A 325 -37.67 7.10 9.28
N ARG A 326 -37.80 7.28 7.93
CA ARG A 326 -37.44 8.37 7.19
C ARG A 326 -35.97 8.51 7.06
N GLY A 327 -35.23 7.36 6.97
CA GLY A 327 -33.94 7.30 6.38
C GLY A 327 -34.09 7.17 4.87
N GLU A 328 -32.95 7.19 4.10
CA GLU A 328 -32.92 6.97 2.71
C GLU A 328 -32.19 5.69 2.50
N VAL A 329 -32.70 4.79 1.65
CA VAL A 329 -31.95 3.54 1.38
C VAL A 329 -31.45 3.53 -0.02
N VAL A 330 -30.28 3.09 -0.18
CA VAL A 330 -29.53 3.26 -1.44
C VAL A 330 -29.28 1.90 -1.95
N VAL A 331 -29.66 1.64 -3.24
CA VAL A 331 -29.60 0.40 -3.91
C VAL A 331 -28.75 0.72 -5.15
N VAL A 332 -27.68 -0.01 -5.36
CA VAL A 332 -26.64 0.57 -6.26
C VAL A 332 -25.90 -0.54 -6.94
N SER A 333 -25.43 -0.31 -8.18
CA SER A 333 -24.61 -1.24 -8.92
C SER A 333 -23.32 -1.61 -8.11
N SER A 334 -22.82 -2.86 -8.19
CA SER A 334 -21.49 -3.30 -7.60
C SER A 334 -20.29 -3.18 -8.58
N GLU A 335 -20.56 -2.65 -9.74
CA GLU A 335 -19.54 -2.30 -10.71
C GLU A 335 -18.79 -1.15 -10.24
N HIS A 336 -19.45 -0.13 -9.61
CA HIS A 336 -18.94 1.12 -9.04
C HIS A 336 -17.91 1.02 -8.02
N GLU A 337 -17.10 2.10 -7.95
CA GLU A 337 -15.94 2.45 -7.16
C GLU A 337 -16.38 2.41 -5.65
N GLY A 338 -17.68 2.59 -5.37
CA GLY A 338 -18.27 2.59 -4.05
C GLY A 338 -18.87 1.32 -3.73
N GLY A 339 -19.57 0.74 -4.77
CA GLY A 339 -20.31 -0.58 -4.81
C GLY A 339 -19.41 -1.81 -4.47
N GLU A 340 -18.12 -1.81 -5.02
CA GLU A 340 -17.05 -2.79 -4.84
C GLU A 340 -16.61 -2.79 -3.42
N LYS A 341 -16.59 -1.61 -2.71
CA LYS A 341 -16.26 -1.59 -1.31
C LYS A 341 -17.42 -2.08 -0.44
N LEU A 342 -18.69 -1.99 -0.99
CA LEU A 342 -19.75 -2.55 -0.14
C LEU A 342 -19.81 -4.06 -0.13
N LYS A 343 -19.36 -4.74 -1.21
CA LYS A 343 -18.91 -6.12 -1.16
C LYS A 343 -17.86 -6.41 -0.06
N ALA A 344 -16.73 -5.58 -0.03
CA ALA A 344 -15.62 -5.87 0.81
C ALA A 344 -16.03 -5.76 2.28
N LEU A 345 -16.76 -4.64 2.64
CA LEU A 345 -17.30 -4.32 3.94
C LEU A 345 -18.11 -5.44 4.47
N GLY A 346 -18.73 -6.15 3.50
CA GLY A 346 -19.33 -7.42 3.80
C GLY A 346 -20.60 -7.36 3.09
N GLY A 347 -21.43 -6.29 3.24
CA GLY A 347 -22.69 -6.14 2.51
C GLY A 347 -23.47 -4.92 3.06
N LEU A 348 -23.41 -4.74 4.43
CA LEU A 348 -24.30 -3.73 4.97
C LEU A 348 -23.34 -2.73 5.59
N ALA A 349 -23.66 -1.49 5.34
CA ALA A 349 -23.04 -0.40 6.01
C ALA A 349 -24.12 0.57 6.26
N ALA A 350 -24.18 1.13 7.48
CA ALA A 350 -25.10 2.15 7.76
C ALA A 350 -24.50 3.28 8.62
N LEU A 351 -24.94 4.57 8.31
CA LEU A 351 -24.54 5.82 8.97
C LEU A 351 -25.63 6.11 9.96
N LEU A 352 -25.26 6.29 11.27
CA LEU A 352 -26.20 6.58 12.32
C LEU A 352 -26.19 7.99 12.58
N ARG A 353 -27.27 8.41 13.16
CA ARG A 353 -27.60 9.78 13.61
C ARG A 353 -27.06 10.06 14.99
N PHE A 354 -27.24 9.05 15.83
CA PHE A 354 -26.95 9.05 17.22
C PHE A 354 -26.63 7.62 17.63
N ARG A 355 -25.88 7.45 18.70
CA ARG A 355 -25.27 6.20 19.11
C ARG A 355 -26.29 5.12 19.46
N VAL A 356 -26.05 3.88 18.94
CA VAL A 356 -26.72 2.65 19.37
C VAL A 356 -25.53 1.73 19.69
N LYS A 357 -25.52 0.99 20.82
CA LYS A 357 -24.25 0.42 21.21
C LYS A 357 -23.87 -0.84 20.40
N MET B 1 -7.32 -6.70 -17.90
CA MET B 1 -6.83 -7.88 -17.14
C MET B 1 -6.83 -7.66 -15.62
N VAL B 2 -6.80 -8.77 -14.88
CA VAL B 2 -6.78 -8.73 -13.43
C VAL B 2 -6.21 -10.04 -12.90
N ARG B 3 -6.12 -10.15 -11.58
CA ARG B 3 -5.56 -11.33 -10.93
C ARG B 3 -5.05 -10.80 -9.61
N LYS B 4 -5.29 -11.49 -8.51
CA LYS B 4 -4.83 -10.95 -7.25
C LYS B 4 -4.93 -11.87 -6.04
N MET B 5 -3.86 -11.98 -5.22
CA MET B 5 -3.84 -12.81 -4.01
C MET B 5 -3.71 -11.84 -2.89
N ARG B 6 -4.19 -12.21 -1.74
CA ARG B 6 -4.07 -11.40 -0.55
C ARG B 6 -3.00 -12.11 0.26
N ILE B 7 -2.17 -11.34 0.94
CA ILE B 7 -1.11 -11.92 1.77
C ILE B 7 -1.12 -11.20 3.08
N ALA B 8 -1.26 -11.97 4.15
CA ALA B 8 -1.29 -11.41 5.48
C ALA B 8 -0.11 -11.83 6.35
N VAL B 9 0.56 -10.85 6.92
CA VAL B 9 1.64 -11.14 7.83
C VAL B 9 1.33 -10.37 9.10
N ILE B 10 1.49 -11.02 10.24
CA ILE B 10 1.25 -10.40 11.53
C ILE B 10 2.53 -10.48 12.32
N ASP B 11 3.16 -9.36 12.65
CA ASP B 11 4.37 -9.44 13.45
C ASP B 11 3.87 -9.73 14.87
N TYR B 12 3.82 -11.02 15.21
CA TYR B 12 3.36 -11.44 16.52
C TYR B 12 4.16 -10.83 17.67
N ASP B 13 5.44 -10.61 17.45
CA ASP B 13 6.29 -10.04 18.49
C ASP B 13 5.72 -8.67 18.92
N LYS B 14 4.70 -8.19 18.21
CA LYS B 14 4.07 -6.90 18.50
C LYS B 14 2.61 -7.02 18.94
N CYS B 15 2.04 -8.21 18.79
CA CYS B 15 0.65 -8.44 19.16
C CYS B 15 0.47 -8.77 20.64
N ASN B 16 -0.61 -8.30 21.22
CA ASN B 16 -0.91 -8.58 22.61
C ASN B 16 -2.43 -8.48 22.78
N PRO B 17 -3.15 -9.59 22.53
CA PRO B 17 -4.60 -9.72 22.62
C PRO B 17 -5.27 -9.12 23.87
N ASP B 18 -4.59 -9.15 25.00
CA ASP B 18 -5.14 -8.63 26.25
C ASP B 18 -5.16 -7.11 26.34
N LYS B 19 -4.30 -6.46 25.57
CA LYS B 19 -4.23 -5.01 25.61
C LYS B 19 -5.23 -4.32 24.69
N CYS B 20 -5.56 -4.96 23.57
CA CYS B 20 -6.49 -4.38 22.60
C CYS B 20 -7.94 -4.83 22.81
N GLY B 21 -8.23 -5.34 24.01
CA GLY B 21 -9.56 -5.84 24.28
C GLY B 21 -9.45 -7.34 24.10
N HIS B 22 -10.34 -7.92 23.32
CA HIS B 22 -10.26 -9.36 23.08
C HIS B 22 -10.10 -9.51 21.57
N PHE B 23 -8.85 -9.60 21.14
CA PHE B 23 -8.54 -9.73 19.73
C PHE B 23 -9.39 -8.75 18.95
N LEU B 24 -8.99 -7.48 19.01
CA LEU B 24 -9.70 -6.41 18.32
C LEU B 24 -10.04 -6.82 16.88
N CYS B 25 -9.24 -7.73 16.33
CA CYS B 25 -9.40 -8.23 14.98
C CYS B 25 -10.76 -8.83 14.62
N GLU B 26 -10.99 -10.04 15.10
CA GLU B 26 -12.23 -10.77 14.84
C GLU B 26 -13.46 -9.90 15.11
N ARG B 27 -13.29 -8.94 16.01
CA ARG B 27 -14.36 -8.03 16.39
C ARG B 27 -14.60 -7.00 15.29
N VAL B 28 -13.56 -6.24 14.96
CA VAL B 28 -13.62 -5.21 13.94
C VAL B 28 -13.72 -5.77 12.51
N CYS B 29 -13.33 -7.02 12.34
CA CYS B 29 -13.34 -7.68 11.02
C CYS B 29 -14.72 -7.85 10.36
N PRO B 30 -14.96 -7.12 9.25
CA PRO B 30 -16.22 -7.18 8.51
C PRO B 30 -16.68 -8.59 8.13
N VAL B 31 -15.75 -9.37 7.57
CA VAL B 31 -16.05 -10.74 7.17
C VAL B 31 -16.53 -11.59 8.35
N ASN B 32 -15.87 -11.46 9.50
CA ASN B 32 -16.27 -12.19 10.71
C ASN B 32 -17.60 -11.63 11.18
N ARG B 33 -17.86 -10.34 11.01
CA ARG B 33 -19.07 -9.77 11.35
C ARG B 33 -20.21 -10.54 10.65
N MET B 34 -20.03 -10.86 9.37
CA MET B 34 -21.11 -11.51 8.63
C MET B 34 -20.92 -13.02 8.62
N GLY B 35 -20.56 -13.56 9.78
CA GLY B 35 -20.35 -14.99 9.92
C GLY B 35 -19.31 -15.62 9.00
N GLY B 36 -18.12 -15.03 8.97
CA GLY B 36 -17.06 -15.57 8.13
C GLY B 36 -15.81 -15.86 8.94
N GLU B 37 -14.84 -16.52 8.31
CA GLU B 37 -13.59 -16.86 8.99
C GLU B 37 -12.33 -16.20 8.40
N ALA B 38 -12.33 -14.87 8.30
CA ALA B 38 -11.18 -14.17 7.77
C ALA B 38 -10.09 -14.21 8.85
N ILE B 39 -10.48 -13.86 10.06
CA ILE B 39 -9.54 -13.87 11.19
C ILE B 39 -10.00 -14.90 12.22
N ILE B 40 -9.14 -15.89 12.46
CA ILE B 40 -9.40 -16.96 13.42
C ILE B 40 -8.49 -16.86 14.65
N ILE B 41 -9.01 -17.27 15.80
CA ILE B 41 -8.26 -17.23 17.03
C ILE B 41 -7.58 -18.54 17.39
N ASP B 42 -6.28 -18.48 17.64
CA ASP B 42 -5.53 -19.65 18.05
C ASP B 42 -5.58 -19.60 19.57
N GLU B 43 -6.67 -20.14 20.12
CA GLU B 43 -6.87 -20.18 21.56
C GLU B 43 -6.01 -21.27 22.18
N GLU B 44 -4.70 -21.06 22.18
CA GLU B 44 -3.75 -22.01 22.75
C GLU B 44 -2.45 -21.25 22.79
N ASN B 45 -1.93 -20.95 21.60
CA ASN B 45 -0.70 -20.18 21.52
C ASN B 45 -1.11 -18.72 21.70
N TYR B 46 -2.41 -18.49 21.83
CA TYR B 46 -3.00 -17.16 22.03
C TYR B 46 -2.50 -16.11 21.04
N LYS B 47 -2.83 -16.32 19.77
CA LYS B 47 -2.44 -15.43 18.67
C LYS B 47 -3.64 -15.39 17.74
N PRO B 48 -3.66 -14.41 16.83
CA PRO B 48 -4.78 -14.33 15.90
C PRO B 48 -4.23 -14.89 14.59
N ILE B 49 -5.08 -15.41 13.73
CA ILE B 49 -4.59 -15.90 12.46
C ILE B 49 -5.51 -15.46 11.34
N ILE B 50 -4.92 -14.95 10.26
CA ILE B 50 -5.75 -14.50 9.15
C ILE B 50 -5.74 -15.54 8.05
N GLN B 51 -6.94 -16.05 7.73
CA GLN B 51 -7.07 -17.04 6.68
C GLN B 51 -7.21 -16.29 5.36
N GLU B 52 -6.06 -16.02 4.75
CA GLU B 52 -5.99 -15.28 3.49
C GLU B 52 -6.99 -15.77 2.45
N ALA B 53 -7.53 -16.96 2.65
CA ALA B 53 -8.51 -17.52 1.72
C ALA B 53 -9.80 -16.71 1.79
N SER B 54 -9.94 -15.94 2.87
CA SER B 54 -11.11 -15.11 3.06
C SER B 54 -10.70 -13.65 2.88
N CYS B 55 -10.22 -13.05 3.97
CA CYS B 55 -9.78 -11.66 3.97
C CYS B 55 -9.99 -10.95 2.63
N THR B 56 -10.90 -9.98 2.61
CA THR B 56 -11.18 -9.22 1.41
C THR B 56 -10.06 -8.23 1.13
N GLY B 57 -9.21 -8.01 2.13
CA GLY B 57 -8.12 -7.07 1.98
C GLY B 57 -8.62 -5.65 2.18
N CYS B 58 -9.78 -5.54 2.81
CA CYS B 58 -10.40 -4.25 3.09
C CYS B 58 -9.49 -3.40 3.97
N GLY B 59 -8.64 -4.07 4.75
CA GLY B 59 -7.70 -3.37 5.61
C GLY B 59 -8.24 -2.70 6.85
N ILE B 60 -9.42 -3.06 7.31
CA ILE B 60 -9.95 -2.44 8.52
C ILE B 60 -9.11 -2.87 9.73
N CYS B 61 -8.90 -4.18 9.85
CA CYS B 61 -8.12 -4.73 10.95
C CYS B 61 -6.75 -4.06 11.07
N VAL B 62 -6.16 -3.73 9.93
CA VAL B 62 -4.84 -3.10 9.88
C VAL B 62 -4.83 -1.72 10.53
N HIS B 63 -5.85 -0.94 10.20
CA HIS B 63 -5.96 0.42 10.72
C HIS B 63 -6.26 0.42 12.21
N LYS B 64 -7.05 -0.57 12.64
CA LYS B 64 -7.43 -0.68 14.03
C LYS B 64 -6.32 -1.12 14.99
N CYS B 65 -5.56 -2.16 14.62
CA CYS B 65 -4.51 -2.66 15.51
C CYS B 65 -3.80 -1.56 16.29
N PRO B 66 -4.07 -1.49 17.60
CA PRO B 66 -3.48 -0.47 18.48
C PRO B 66 -1.96 -0.31 18.35
N PHE B 67 -1.30 -1.29 17.75
CA PHE B 67 0.14 -1.17 17.54
C PHE B 67 0.32 -1.08 16.03
N ASN B 68 0.58 -2.22 15.41
CA ASN B 68 0.73 -2.27 13.96
C ASN B 68 1.35 -3.61 13.72
N ALA B 69 0.69 -4.63 14.28
CA ALA B 69 1.14 -6.00 14.16
C ALA B 69 0.48 -6.67 12.96
N ILE B 70 -0.14 -5.87 12.09
CA ILE B 70 -0.82 -6.41 10.93
C ILE B 70 -0.50 -5.68 9.62
N SER B 71 -0.30 -6.48 8.58
CA SER B 71 -0.02 -5.99 7.23
C SER B 71 -0.83 -6.88 6.32
N ILE B 72 -1.56 -6.28 5.39
CA ILE B 72 -2.37 -6.99 4.42
C ILE B 72 -2.02 -6.38 3.07
N VAL B 73 -1.50 -7.18 2.15
CA VAL B 73 -1.16 -6.65 0.83
C VAL B 73 -1.89 -7.43 -0.27
N ASN B 74 -2.25 -6.74 -1.34
CA ASN B 74 -2.94 -7.35 -2.47
C ASN B 74 -1.94 -7.46 -3.61
N LEU B 75 -1.53 -8.68 -3.92
CA LEU B 75 -0.56 -8.92 -4.99
C LEU B 75 -1.28 -9.19 -6.32
N PRO B 76 -0.58 -8.94 -7.42
CA PRO B 76 -1.14 -9.16 -8.75
C PRO B 76 -1.10 -10.64 -9.14
N GLU B 77 -0.65 -11.56 -8.26
CA GLU B 77 -0.43 -13.04 -8.61
C GLU B 77 0.65 -13.26 -9.66
N GLN B 78 1.94 -13.27 -9.31
CA GLN B 78 2.94 -13.44 -10.36
C GLN B 78 4.19 -13.81 -9.56
N LEU B 79 4.54 -12.90 -8.56
CA LEU B 79 5.74 -12.96 -7.71
C LEU B 79 5.55 -14.19 -6.75
N ASP B 80 4.27 -14.48 -6.48
CA ASP B 80 3.69 -15.47 -5.64
C ASP B 80 4.12 -16.89 -6.12
N GLU B 81 4.54 -16.98 -7.37
CA GLU B 81 4.90 -18.23 -8.04
C GLU B 81 6.43 -18.42 -7.91
N ASP B 82 7.09 -17.49 -7.26
CA ASP B 82 8.51 -17.35 -7.15
C ASP B 82 8.80 -17.21 -5.69
N CYS B 83 7.85 -17.58 -4.86
CA CYS B 83 7.81 -17.67 -3.44
C CYS B 83 8.75 -18.77 -2.93
N VAL B 84 9.63 -18.46 -1.92
CA VAL B 84 10.76 -19.23 -1.48
C VAL B 84 10.57 -19.84 -0.11
N HIS B 85 9.90 -19.17 0.86
CA HIS B 85 9.97 -19.68 2.21
C HIS B 85 8.94 -18.91 2.99
N ARG B 86 8.16 -19.57 3.92
CA ARG B 86 7.13 -18.93 4.72
C ARG B 86 7.44 -19.57 6.06
N TYR B 87 7.36 -18.79 7.17
CA TYR B 87 7.78 -19.25 8.44
C TYR B 87 6.60 -19.94 9.19
N GLY B 88 5.48 -20.20 8.45
CA GLY B 88 4.16 -20.60 8.90
C GLY B 88 3.25 -19.49 8.55
N VAL B 89 1.89 -19.66 8.54
CA VAL B 89 0.88 -18.70 8.09
C VAL B 89 0.85 -17.57 9.08
N ASN B 90 0.70 -16.29 8.59
CA ASN B 90 0.70 -15.04 9.31
C ASN B 90 2.13 -14.83 9.83
N ALA B 91 3.10 -15.00 8.96
CA ALA B 91 4.43 -14.97 9.41
C ALA B 91 5.21 -14.51 8.25
N PHE B 92 6.60 -14.29 8.39
CA PHE B 92 7.42 -13.70 7.35
C PHE B 92 7.47 -14.67 6.23
N VAL B 93 7.51 -14.17 5.00
CA VAL B 93 7.64 -14.85 3.73
C VAL B 93 8.78 -14.19 2.94
N LEU B 94 9.57 -15.05 2.24
CA LEU B 94 10.64 -14.61 1.28
C LEU B 94 10.17 -14.97 -0.08
N TYR B 95 10.42 -14.12 -1.04
CA TYR B 95 10.30 -14.23 -2.48
C TYR B 95 11.62 -14.01 -2.94
N ARG B 96 11.94 -14.85 -3.90
CA ARG B 96 13.16 -14.92 -4.66
C ARG B 96 14.43 -15.03 -3.79
N LEU B 97 15.66 -15.14 -4.43
CA LEU B 97 16.91 -15.25 -3.69
C LEU B 97 17.92 -14.40 -4.37
N PRO B 98 19.00 -13.89 -3.78
CA PRO B 98 20.24 -13.49 -4.46
C PRO B 98 20.95 -14.59 -5.14
N ILE B 99 21.47 -14.30 -6.36
CA ILE B 99 22.00 -15.23 -7.27
C ILE B 99 23.53 -15.07 -7.04
N VAL B 100 24.14 -16.02 -6.34
CA VAL B 100 25.54 -15.98 -6.17
C VAL B 100 26.18 -16.79 -7.37
N LYS B 101 27.46 -16.50 -7.64
CA LYS B 101 28.22 -16.68 -8.83
C LYS B 101 29.66 -16.76 -8.46
N ASP B 102 30.36 -17.58 -9.26
CA ASP B 102 31.70 -17.89 -8.99
C ASP B 102 32.56 -16.89 -9.61
N GLY B 103 33.53 -16.46 -8.75
CA GLY B 103 34.63 -15.64 -9.23
C GLY B 103 34.24 -14.20 -9.27
N MET B 104 33.10 -13.86 -8.58
CA MET B 104 32.47 -12.56 -8.74
C MET B 104 31.95 -12.15 -7.40
N VAL B 105 31.69 -10.84 -7.19
CA VAL B 105 31.36 -10.27 -5.94
C VAL B 105 29.93 -9.81 -6.18
N VAL B 106 28.94 -10.39 -5.52
CA VAL B 106 27.52 -10.18 -5.74
C VAL B 106 27.09 -9.24 -4.65
N GLY B 107 26.69 -8.02 -5.06
CA GLY B 107 26.31 -7.07 -4.07
C GLY B 107 24.84 -7.17 -3.68
N ILE B 108 24.58 -6.66 -2.48
CA ILE B 108 23.28 -6.49 -1.85
C ILE B 108 23.20 -5.13 -1.24
N VAL B 109 22.12 -4.40 -1.57
CA VAL B 109 21.71 -3.13 -0.92
C VAL B 109 20.15 -3.27 -0.68
N GLY B 110 19.69 -2.70 0.46
CA GLY B 110 18.33 -2.69 0.78
C GLY B 110 18.10 -2.80 2.27
N PRO B 111 17.15 -2.06 2.91
CA PRO B 111 16.94 -1.94 4.35
C PRO B 111 16.74 -3.26 5.09
N ASN B 112 17.15 -3.25 6.33
CA ASN B 112 17.13 -4.41 7.27
C ASN B 112 15.84 -5.03 7.43
N GLY B 113 15.84 -6.32 7.76
CA GLY B 113 14.59 -7.04 8.10
C GLY B 113 13.77 -7.43 6.91
N THR B 114 14.41 -7.40 5.74
CA THR B 114 13.76 -7.78 4.48
C THR B 114 14.21 -9.19 4.09
N GLY B 115 14.78 -9.97 5.08
CA GLY B 115 15.28 -11.36 4.95
C GLY B 115 16.48 -11.53 4.06
N LYS B 116 17.43 -10.57 4.22
CA LYS B 116 18.80 -10.68 3.81
C LYS B 116 19.40 -11.91 4.43
N THR B 117 19.36 -12.02 5.75
CA THR B 117 19.81 -13.06 6.60
C THR B 117 19.06 -14.39 6.54
N THR B 118 17.78 -14.36 6.10
CA THR B 118 16.95 -15.51 5.82
C THR B 118 17.48 -16.35 4.68
N ALA B 119 17.93 -15.61 3.63
CA ALA B 119 18.57 -16.18 2.45
C ALA B 119 19.89 -16.87 2.73
N VAL B 120 20.65 -16.32 3.73
CA VAL B 120 22.00 -16.86 4.13
C VAL B 120 21.87 -18.22 4.67
N LYS B 121 20.84 -18.44 5.60
CA LYS B 121 20.55 -19.74 6.22
C LYS B 121 20.07 -20.74 5.25
N ILE B 122 19.39 -20.28 4.22
CA ILE B 122 18.82 -21.04 3.11
C ILE B 122 19.93 -21.63 2.32
N LEU B 123 20.88 -20.80 1.93
CA LEU B 123 22.09 -21.18 1.25
C LEU B 123 23.07 -21.95 2.04
N ALA B 124 22.96 -22.07 3.36
CA ALA B 124 23.99 -22.60 4.24
C ALA B 124 23.72 -24.02 4.55
N GLY B 125 22.59 -24.53 4.03
CA GLY B 125 22.23 -25.96 4.12
C GLY B 125 21.39 -26.16 5.32
N GLN B 126 21.28 -25.16 6.16
CA GLN B 126 20.66 -25.18 7.49
C GLN B 126 19.18 -24.79 7.44
N LEU B 127 18.64 -24.57 6.27
CA LEU B 127 17.26 -24.29 6.09
C LEU B 127 17.00 -24.76 4.66
N ILE B 128 16.00 -25.67 4.45
CA ILE B 128 15.43 -26.12 3.24
C ILE B 128 14.32 -25.24 2.89
N PRO B 129 14.24 -24.68 1.70
CA PRO B 129 13.11 -23.94 1.19
C PRO B 129 11.80 -24.71 1.14
N ASN B 130 10.62 -24.20 1.53
CA ASN B 130 9.32 -24.92 1.40
C ASN B 130 8.63 -24.46 0.19
N LEU B 131 9.21 -23.39 -0.47
CA LEU B 131 8.74 -22.68 -1.66
C LEU B 131 7.36 -22.19 -1.54
N CYS B 132 7.10 -21.76 -0.30
CA CYS B 132 5.79 -21.39 0.18
C CYS B 132 4.71 -22.39 -0.18
N GLU B 133 4.97 -23.68 0.20
CA GLU B 133 4.13 -24.84 -0.03
C GLU B 133 4.23 -25.69 1.25
N ASP B 134 5.18 -26.68 1.31
CA ASP B 134 5.22 -27.70 2.37
C ASP B 134 6.50 -28.52 2.14
N ASN B 135 7.38 -28.18 1.16
CA ASN B 135 8.57 -28.94 0.75
C ASN B 135 9.71 -28.92 1.76
N ASP B 136 10.48 -30.03 1.67
CA ASP B 136 11.53 -30.32 2.61
C ASP B 136 12.60 -31.09 1.93
N SER B 137 12.61 -30.89 0.63
CA SER B 137 13.65 -31.39 -0.26
C SER B 137 14.28 -30.38 -1.15
N TRP B 138 15.41 -30.74 -1.79
CA TRP B 138 16.19 -29.91 -2.64
C TRP B 138 15.60 -29.90 -4.02
N ASP B 139 15.02 -31.01 -4.47
CA ASP B 139 14.68 -31.26 -5.83
C ASP B 139 13.69 -30.33 -6.48
N ASN B 140 12.63 -29.90 -5.74
CA ASN B 140 11.59 -28.90 -6.10
C ASN B 140 12.27 -27.60 -6.16
N VAL B 141 13.37 -27.30 -5.41
CA VAL B 141 14.11 -26.07 -5.43
C VAL B 141 14.86 -25.99 -6.71
N ILE B 142 15.60 -27.02 -7.04
CA ILE B 142 16.37 -27.21 -8.24
C ILE B 142 15.57 -27.08 -9.48
N ARG B 143 14.33 -27.68 -9.54
CA ARG B 143 13.36 -27.43 -10.60
C ARG B 143 12.89 -26.03 -10.70
N ALA B 144 12.47 -25.37 -9.58
CA ALA B 144 11.83 -24.05 -9.61
C ALA B 144 12.67 -22.97 -10.21
N PHE B 145 13.98 -23.14 -9.97
CA PHE B 145 15.09 -22.30 -10.43
C PHE B 145 15.67 -22.80 -11.63
N ARG B 146 14.90 -23.59 -12.37
CA ARG B 146 15.29 -24.04 -13.69
C ARG B 146 15.12 -22.83 -14.67
N GLY B 147 16.23 -22.60 -15.42
CA GLY B 147 16.42 -21.46 -16.24
C GLY B 147 17.26 -20.42 -15.66
N ASN B 148 17.96 -20.78 -14.60
CA ASN B 148 18.70 -19.83 -13.81
C ASN B 148 19.87 -20.53 -13.19
N GLU B 149 20.91 -19.74 -12.79
CA GLU B 149 22.17 -20.27 -12.26
C GLU B 149 22.18 -20.85 -10.85
N LEU B 150 21.09 -20.75 -10.08
CA LEU B 150 21.04 -21.19 -8.71
C LEU B 150 20.67 -22.62 -8.58
N GLN B 151 20.09 -23.24 -9.68
CA GLN B 151 19.87 -24.71 -9.64
C GLN B 151 21.11 -25.46 -9.29
N ASN B 152 22.27 -24.94 -9.92
CA ASN B 152 23.60 -25.57 -9.93
C ASN B 152 24.09 -25.43 -8.47
N TYR B 153 23.86 -24.29 -7.79
CA TYR B 153 24.16 -24.06 -6.44
C TYR B 153 23.55 -25.03 -5.50
N PHE B 154 22.22 -25.32 -5.63
CA PHE B 154 21.51 -26.20 -4.71
C PHE B 154 22.00 -27.65 -4.91
N GLU B 155 22.45 -28.01 -6.15
CA GLU B 155 22.98 -29.40 -6.41
C GLU B 155 24.27 -29.67 -5.71
N ARG B 156 25.21 -28.71 -5.76
CA ARG B 156 26.45 -28.76 -4.97
C ARG B 156 26.29 -28.66 -3.50
N LEU B 157 25.30 -27.75 -3.12
CA LEU B 157 25.02 -27.57 -1.75
C LEU B 157 24.57 -28.83 -1.12
N LYS B 158 23.80 -29.69 -1.81
CA LYS B 158 23.31 -30.92 -1.23
C LYS B 158 24.35 -32.00 -1.21
N ASN B 159 25.21 -32.11 -2.22
CA ASN B 159 26.34 -33.01 -2.15
C ASN B 159 27.26 -32.61 -1.04
N GLY B 160 27.26 -31.33 -0.62
CA GLY B 160 27.92 -30.77 0.49
C GLY B 160 29.36 -30.63 0.27
N GLU B 161 29.79 -30.41 -1.04
CA GLU B 161 31.15 -30.17 -1.49
C GLU B 161 31.40 -28.67 -1.49
N ILE B 162 30.46 -27.82 -1.08
CA ILE B 162 30.74 -26.45 -0.81
C ILE B 162 30.07 -26.20 0.53
N ARG B 163 30.51 -25.23 1.37
CA ARG B 163 29.83 -24.85 2.61
C ARG B 163 30.27 -23.44 2.57
N PRO B 164 29.34 -22.45 2.86
CA PRO B 164 29.72 -21.07 2.79
C PRO B 164 30.10 -20.68 4.24
N VAL B 165 31.11 -19.77 4.37
CA VAL B 165 31.37 -19.25 5.72
C VAL B 165 30.77 -17.96 5.68
N VAL B 166 30.22 -17.46 6.86
CA VAL B 166 29.38 -16.28 7.01
C VAL B 166 29.92 -15.49 8.14
N LYS B 167 30.16 -14.14 7.87
CA LYS B 167 30.54 -13.13 8.80
C LYS B 167 29.17 -12.60 9.26
N PRO B 168 28.73 -12.93 10.46
CA PRO B 168 27.39 -12.62 11.07
C PRO B 168 27.07 -11.11 11.11
N GLN B 169 25.72 -10.80 11.06
CA GLN B 169 25.17 -9.49 11.04
C GLN B 169 25.47 -8.68 12.25
N TYR B 170 25.66 -9.38 13.39
CA TYR B 170 26.20 -8.75 14.63
C TYR B 170 27.47 -9.47 14.92
N VAL B 171 28.52 -8.75 15.34
CA VAL B 171 29.75 -9.33 15.78
C VAL B 171 29.81 -8.74 17.13
N ASP B 172 30.84 -9.05 17.93
CA ASP B 172 30.92 -8.87 19.35
C ASP B 172 30.35 -10.11 20.02
N LEU B 173 30.30 -11.25 19.23
CA LEU B 173 29.86 -12.60 19.72
C LEU B 173 31.12 -13.32 19.96
N LEU B 174 32.06 -13.32 19.07
CA LEU B 174 33.40 -13.98 19.24
C LEU B 174 34.12 -13.57 20.59
N PRO B 175 34.25 -12.25 21.03
CA PRO B 175 34.80 -12.00 22.35
C PRO B 175 34.13 -12.73 23.51
N LYS B 176 32.78 -12.76 23.57
CA LYS B 176 32.09 -13.58 24.55
C LYS B 176 31.70 -14.96 24.10
N ALA B 177 32.62 -15.69 23.47
CA ALA B 177 32.31 -16.99 23.14
C ALA B 177 33.62 -17.80 22.90
N VAL B 178 34.67 -17.02 22.69
CA VAL B 178 35.99 -17.49 22.23
C VAL B 178 36.89 -16.59 23.04
N LYS B 179 37.79 -17.27 23.80
CA LYS B 179 38.59 -16.56 24.78
C LYS B 179 40.04 -16.79 24.36
N GLY B 180 41.00 -16.03 24.92
CA GLY B 180 42.29 -15.84 24.46
C GLY B 180 42.42 -14.94 23.29
N LYS B 181 43.65 -14.94 22.69
CA LYS B 181 44.07 -13.85 21.89
C LYS B 181 43.68 -14.02 20.45
N VAL B 182 43.86 -12.89 19.68
CA VAL B 182 43.71 -12.64 18.25
C VAL B 182 44.92 -13.36 17.69
N ARG B 183 46.10 -13.42 18.34
CA ARG B 183 47.23 -14.20 17.93
C ARG B 183 47.01 -15.62 17.86
N GLU B 184 46.42 -16.09 18.96
CA GLU B 184 46.09 -17.49 19.08
C GLU B 184 45.14 -17.97 18.05
N LEU B 185 43.91 -17.28 18.01
CA LEU B 185 42.76 -17.60 17.22
C LEU B 185 42.97 -17.81 15.80
N LEU B 186 43.73 -16.91 15.23
CA LEU B 186 44.15 -16.89 13.89
C LEU B 186 45.12 -18.01 13.44
N LYS B 187 45.92 -18.59 14.46
CA LYS B 187 46.58 -19.89 14.22
C LYS B 187 45.49 -20.99 14.18
N LYS B 188 44.63 -21.06 15.19
CA LYS B 188 43.66 -22.12 15.29
C LYS B 188 42.80 -22.30 14.09
N VAL B 189 42.03 -21.27 13.67
CA VAL B 189 41.04 -21.28 12.63
C VAL B 189 41.78 -21.59 11.29
N ASP B 190 43.14 -21.47 11.17
CA ASP B 190 43.94 -21.56 9.91
C ASP B 190 43.77 -22.92 9.26
N GLU B 191 43.52 -22.91 7.95
CA GLU B 191 43.30 -24.05 7.08
C GLU B 191 43.50 -23.71 5.66
N VAL B 192 43.86 -22.47 5.29
CA VAL B 192 43.82 -21.99 3.89
C VAL B 192 45.26 -21.79 3.49
N GLY B 193 46.18 -21.58 4.44
CA GLY B 193 47.62 -21.58 4.14
C GLY B 193 48.03 -20.25 3.58
N LYS B 194 47.05 -19.25 3.65
CA LYS B 194 47.20 -17.94 3.28
C LYS B 194 47.29 -16.96 4.46
N PHE B 195 47.66 -17.50 5.67
CA PHE B 195 47.73 -16.84 6.95
C PHE B 195 48.48 -15.51 6.78
N GLU B 196 49.59 -15.43 5.95
CA GLU B 196 50.61 -14.39 5.92
C GLU B 196 50.03 -13.18 5.26
N GLU B 197 49.54 -13.44 4.06
CA GLU B 197 48.92 -12.44 3.19
C GLU B 197 47.83 -11.64 3.91
N VAL B 198 46.81 -12.34 4.54
CA VAL B 198 45.61 -11.88 5.24
C VAL B 198 45.95 -10.88 6.36
N VAL B 199 46.73 -11.42 7.37
CA VAL B 199 47.06 -10.68 8.61
C VAL B 199 47.83 -9.39 8.33
N LYS B 200 48.58 -9.35 7.26
CA LYS B 200 49.40 -8.25 6.75
C LYS B 200 48.61 -7.23 5.98
N GLU B 201 47.79 -7.64 4.94
CA GLU B 201 46.92 -6.77 4.20
C GLU B 201 45.83 -6.04 5.03
N LEU B 202 45.26 -6.76 6.08
CA LEU B 202 44.32 -6.20 6.96
C LEU B 202 45.02 -5.62 8.17
N GLU B 203 46.33 -5.55 8.27
CA GLU B 203 47.15 -4.85 9.31
C GLU B 203 46.71 -5.16 10.73
N LEU B 204 46.75 -6.51 11.17
CA LEU B 204 46.39 -6.94 12.44
C LEU B 204 47.68 -7.38 13.12
N GLU B 205 48.95 -7.03 12.64
CA GLU B 205 50.22 -7.41 13.32
C GLU B 205 50.57 -6.77 14.58
N ASN B 206 49.80 -5.65 14.89
CA ASN B 206 49.96 -4.94 16.16
C ASN B 206 48.78 -5.38 16.95
N VAL B 207 47.77 -5.98 16.25
CA VAL B 207 46.55 -6.18 16.90
C VAL B 207 46.49 -7.58 17.50
N LEU B 208 47.54 -8.48 17.13
CA LEU B 208 47.71 -9.77 17.74
C LEU B 208 47.82 -9.79 19.28
N ASP B 209 48.57 -8.81 19.91
CA ASP B 209 48.92 -8.79 21.31
C ASP B 209 47.71 -8.68 22.22
N ARG B 210 46.73 -7.91 21.86
CA ARG B 210 45.54 -7.78 22.63
C ARG B 210 44.64 -9.02 22.49
N GLU B 211 43.79 -9.24 23.52
CA GLU B 211 42.76 -10.21 23.68
C GLU B 211 41.56 -9.61 22.95
N LEU B 212 40.65 -10.46 22.50
CA LEU B 212 39.49 -10.09 21.80
C LEU B 212 38.67 -8.92 22.46
N HIS B 213 38.44 -9.03 23.84
CA HIS B 213 37.63 -8.10 24.62
C HIS B 213 38.24 -6.77 24.76
N GLN B 214 39.53 -6.68 24.51
CA GLN B 214 40.29 -5.41 24.63
C GLN B 214 40.34 -4.67 23.31
N LEU B 215 39.63 -5.21 22.23
CA LEU B 215 39.69 -4.61 20.88
C LEU B 215 38.75 -3.43 20.93
N SER B 216 39.03 -2.55 19.89
CA SER B 216 38.15 -1.37 19.59
C SER B 216 37.35 -1.89 18.41
N GLY B 217 36.44 -1.06 17.89
CA GLY B 217 35.53 -1.50 16.86
C GLY B 217 36.13 -2.00 15.57
N GLY B 218 36.92 -1.08 14.97
CA GLY B 218 37.61 -1.31 13.68
C GLY B 218 38.38 -2.61 13.71
N GLU B 219 39.16 -2.84 14.78
CA GLU B 219 39.96 -3.99 14.98
C GLU B 219 39.20 -5.31 15.13
N LEU B 220 38.19 -5.42 16.00
CA LEU B 220 37.31 -6.52 16.16
C LEU B 220 36.63 -6.97 14.88
N GLN B 221 36.06 -6.02 14.13
CA GLN B 221 35.51 -6.24 12.82
C GLN B 221 36.48 -6.90 11.84
N ARG B 222 37.64 -6.33 11.64
CA ARG B 222 38.66 -6.78 10.74
C ARG B 222 39.14 -8.17 11.10
N VAL B 223 39.29 -8.52 12.40
CA VAL B 223 39.71 -9.79 12.96
C VAL B 223 38.67 -10.87 12.65
N ALA B 224 37.35 -10.50 12.56
CA ALA B 224 36.36 -11.39 12.09
C ALA B 224 36.62 -11.62 10.60
N ILE B 225 36.89 -10.51 9.78
CA ILE B 225 37.11 -10.60 8.30
C ILE B 225 38.24 -11.65 8.12
N ALA B 226 39.32 -11.57 8.89
CA ALA B 226 40.41 -12.44 8.85
C ALA B 226 40.04 -13.87 9.15
N ALA B 227 39.48 -14.19 10.33
CA ALA B 227 39.08 -15.51 10.77
C ALA B 227 38.07 -16.17 9.86
N ALA B 228 37.24 -15.45 9.03
CA ALA B 228 36.31 -16.00 8.06
C ALA B 228 37.07 -16.53 6.84
N LEU B 229 38.10 -15.78 6.41
CA LEU B 229 38.87 -16.23 5.27
C LEU B 229 39.81 -17.36 5.58
N LEU B 230 40.23 -17.50 6.93
CA LEU B 230 41.07 -18.58 7.28
C LEU B 230 40.34 -19.86 7.50
N ARG B 231 39.10 -19.83 7.73
CA ARG B 231 38.28 -20.99 7.56
C ARG B 231 38.21 -21.28 6.05
N LYS B 232 38.18 -22.62 5.72
CA LYS B 232 38.22 -23.06 4.34
C LYS B 232 36.85 -23.13 3.78
N ALA B 233 36.58 -22.34 2.70
CA ALA B 233 35.37 -22.20 2.12
C ALA B 233 35.60 -21.46 0.90
N HIS B 234 34.80 -21.76 -0.14
CA HIS B 234 34.81 -21.14 -1.41
C HIS B 234 33.93 -19.84 -1.38
N PHE B 235 32.83 -19.92 -0.68
CA PHE B 235 31.74 -18.96 -0.67
C PHE B 235 31.92 -18.29 0.68
N TYR B 236 31.99 -16.91 0.65
CA TYR B 236 32.16 -16.08 1.81
C TYR B 236 31.08 -15.07 1.75
N PHE B 237 30.24 -15.00 2.83
CA PHE B 237 29.09 -14.15 2.87
C PHE B 237 29.33 -13.19 4.02
N PHE B 238 29.57 -11.86 3.70
CA PHE B 238 29.79 -10.81 4.64
C PHE B 238 28.52 -9.97 4.74
N ASP B 239 27.90 -10.01 5.95
CA ASP B 239 26.70 -9.21 6.32
C ASP B 239 27.16 -8.03 7.15
N GLU B 240 27.10 -6.83 6.52
CA GLU B 240 27.48 -5.57 7.19
C GLU B 240 28.91 -5.43 7.74
N PRO B 241 29.94 -5.57 7.02
CA PRO B 241 31.32 -5.35 7.48
C PRO B 241 31.74 -3.90 7.70
N SER B 242 30.84 -2.94 7.30
CA SER B 242 31.00 -1.52 7.39
C SER B 242 30.83 -1.10 8.83
N SER B 243 30.33 -1.89 9.72
CA SER B 243 30.18 -1.56 11.14
C SER B 243 31.45 -1.13 11.75
N TYR B 244 31.46 0.04 12.38
CA TYR B 244 32.63 0.64 13.12
C TYR B 244 33.99 0.80 12.47
N LEU B 245 34.20 0.52 11.08
CA LEU B 245 35.41 0.72 10.39
C LEU B 245 35.46 2.23 10.12
N ASP B 246 36.64 2.81 10.09
CA ASP B 246 36.73 4.21 9.78
C ASP B 246 36.84 4.23 8.29
N ILE B 247 36.74 5.51 7.73
CA ILE B 247 36.98 5.91 6.33
C ILE B 247 38.24 5.33 5.76
N ARG B 248 39.40 5.36 6.50
CA ARG B 248 40.63 4.84 5.91
C ARG B 248 40.44 3.31 5.81
N GLN B 249 40.05 2.67 6.95
CA GLN B 249 39.84 1.19 6.99
C GLN B 249 38.91 0.62 5.98
N ARG B 250 37.68 1.12 5.81
CA ARG B 250 36.66 0.65 4.94
C ARG B 250 37.09 0.65 3.43
N LEU B 251 37.88 1.67 2.98
CA LEU B 251 38.44 1.67 1.67
C LEU B 251 39.50 0.61 1.41
N LYS B 252 40.32 0.38 2.45
CA LYS B 252 41.42 -0.63 2.46
C LYS B 252 40.87 -2.03 2.55
N VAL B 253 39.76 -2.30 3.32
CA VAL B 253 39.11 -3.58 3.48
C VAL B 253 38.40 -4.00 2.24
N ALA B 254 37.89 -3.05 1.57
CA ALA B 254 37.24 -3.17 0.23
C ALA B 254 38.24 -3.78 -0.82
N ARG B 255 39.51 -3.32 -0.81
CA ARG B 255 40.57 -3.75 -1.69
C ARG B 255 40.84 -5.20 -1.39
N VAL B 256 40.86 -5.62 -0.10
CA VAL B 256 41.15 -6.93 0.45
C VAL B 256 40.09 -7.87 -0.01
N ILE B 257 38.84 -7.46 0.11
CA ILE B 257 37.70 -8.32 -0.30
C ILE B 257 37.71 -8.45 -1.80
N ARG B 258 37.84 -7.33 -2.63
CA ARG B 258 38.00 -7.37 -4.04
C ARG B 258 39.06 -8.28 -4.58
N ARG B 259 40.22 -8.44 -3.89
CA ARG B 259 41.29 -9.32 -4.34
C ARG B 259 40.89 -10.77 -4.34
N LEU B 260 39.81 -11.16 -3.67
CA LEU B 260 39.26 -12.50 -3.64
C LEU B 260 38.76 -12.87 -5.02
N ALA B 261 38.23 -11.91 -5.86
CA ALA B 261 37.60 -12.23 -7.12
C ALA B 261 38.54 -12.80 -8.15
N ASN B 262 39.71 -12.20 -8.15
CA ASN B 262 40.97 -12.57 -8.86
C ASN B 262 41.36 -14.05 -8.43
N GLU B 263 41.47 -14.39 -7.11
CA GLU B 263 41.59 -15.80 -6.70
C GLU B 263 40.50 -16.77 -7.07
N GLY B 264 39.46 -16.22 -7.67
CA GLY B 264 38.36 -16.96 -8.26
C GLY B 264 37.33 -17.41 -7.24
N LYS B 265 37.32 -16.89 -6.04
CA LYS B 265 36.40 -17.18 -4.97
C LYS B 265 35.21 -16.32 -4.94
N ALA B 266 34.06 -16.91 -4.52
CA ALA B 266 32.77 -16.23 -4.60
C ALA B 266 32.47 -15.44 -3.39
N VAL B 267 32.27 -14.09 -3.51
CA VAL B 267 32.01 -13.17 -2.40
C VAL B 267 30.58 -12.76 -2.58
N LEU B 268 29.84 -12.67 -1.43
CA LEU B 268 28.49 -12.19 -1.44
C LEU B 268 28.58 -11.12 -0.28
N VAL B 269 28.08 -9.89 -0.55
CA VAL B 269 28.32 -8.73 0.35
C VAL B 269 27.18 -7.94 0.47
N VAL B 270 26.90 -7.57 1.74
CA VAL B 270 26.00 -6.52 2.08
C VAL B 270 26.88 -5.30 2.45
N GLU B 271 26.45 -4.11 1.80
CA GLU B 271 27.07 -2.87 2.11
C GLU B 271 25.96 -1.87 2.02
N HIS B 272 26.12 -0.80 2.81
CA HIS B 272 25.12 0.22 2.93
C HIS B 272 25.69 1.56 2.51
N ASP B 273 26.91 1.65 1.95
CA ASP B 273 27.65 2.87 1.65
C ASP B 273 27.95 2.55 0.21
N LEU B 274 27.27 3.31 -0.71
CA LEU B 274 27.33 3.34 -2.12
C LEU B 274 28.71 3.42 -2.69
N ALA B 275 29.69 4.26 -2.21
CA ALA B 275 31.07 4.30 -2.65
C ALA B 275 31.84 3.02 -2.45
N VAL B 276 31.60 2.35 -1.24
CA VAL B 276 32.24 1.11 -0.92
C VAL B 276 31.65 -0.01 -1.76
N LEU B 277 30.31 0.01 -2.02
CA LEU B 277 29.53 -0.93 -2.76
C LEU B 277 29.98 -0.92 -4.26
N ASP B 278 30.17 0.26 -4.85
CA ASP B 278 30.47 0.46 -6.23
C ASP B 278 31.72 -0.29 -6.49
N TYR B 279 32.70 0.01 -5.58
CA TYR B 279 34.07 -0.45 -5.63
C TYR B 279 34.32 -1.97 -5.59
N LEU B 280 33.64 -2.63 -4.57
CA LEU B 280 33.67 -4.09 -4.43
C LEU B 280 32.98 -4.69 -5.63
N SER B 281 31.68 -4.46 -5.81
CA SER B 281 30.77 -5.46 -6.47
C SER B 281 30.86 -5.47 -7.96
N ASP B 282 30.25 -6.49 -8.61
CA ASP B 282 30.33 -6.72 -10.03
C ASP B 282 28.88 -7.02 -10.50
N VAL B 283 28.06 -7.52 -9.49
CA VAL B 283 26.55 -7.73 -9.66
C VAL B 283 25.96 -7.00 -8.45
N ILE B 284 24.69 -6.70 -8.55
CA ILE B 284 24.09 -6.01 -7.46
C ILE B 284 22.63 -6.44 -7.49
N HIS B 285 22.07 -6.58 -6.24
CA HIS B 285 20.71 -6.95 -6.02
C HIS B 285 20.13 -5.84 -5.30
N VAL B 286 18.84 -5.45 -5.60
CA VAL B 286 18.01 -4.56 -4.77
C VAL B 286 16.94 -5.45 -4.08
N VAL B 287 16.72 -5.09 -2.80
CA VAL B 287 15.75 -5.87 -2.05
C VAL B 287 14.68 -4.93 -1.59
N TYR B 288 13.40 -5.23 -1.96
CA TYR B 288 12.31 -4.31 -1.69
C TYR B 288 11.14 -4.98 -0.97
N GLY B 289 10.37 -4.14 -0.27
CA GLY B 289 9.28 -4.57 0.68
C GLY B 289 9.37 -3.76 1.93
N GLU B 290 8.40 -3.96 2.86
CA GLU B 290 8.40 -3.27 4.10
C GLU B 290 8.83 -4.32 5.03
N PRO B 291 9.75 -4.05 5.89
CA PRO B 291 10.34 -5.07 6.79
C PRO B 291 9.36 -5.91 7.58
N GLY B 292 9.58 -7.20 7.66
CA GLY B 292 8.85 -8.02 8.56
C GLY B 292 7.47 -8.41 7.95
N VAL B 293 7.15 -8.06 6.76
CA VAL B 293 5.93 -8.52 6.11
C VAL B 293 6.33 -9.40 4.95
N TYR B 294 7.17 -8.89 4.06
CA TYR B 294 7.74 -9.64 2.95
C TYR B 294 9.07 -9.01 2.49
N GLY B 295 9.85 -9.80 1.78
CA GLY B 295 11.00 -9.22 1.08
C GLY B 295 11.06 -9.92 -0.19
N ILE B 296 11.47 -9.16 -1.29
CA ILE B 296 11.62 -9.76 -2.56
C ILE B 296 12.93 -9.34 -3.09
N PHE B 297 13.80 -10.27 -3.57
CA PHE B 297 15.00 -9.83 -4.24
C PHE B 297 14.62 -9.63 -5.80
N SER B 298 15.06 -8.47 -6.35
CA SER B 298 15.01 -8.13 -7.74
C SER B 298 16.00 -9.01 -8.57
N LYS B 299 16.10 -8.77 -9.87
CA LYS B 299 16.89 -9.49 -10.84
C LYS B 299 18.34 -9.02 -10.66
N PRO B 300 19.38 -9.73 -11.02
CA PRO B 300 20.75 -9.30 -10.86
C PRO B 300 20.99 -8.10 -11.77
N LYS B 301 21.80 -7.04 -11.37
CA LYS B 301 22.04 -5.90 -12.28
C LYS B 301 23.53 -5.63 -12.32
N GLY B 302 24.01 -4.87 -13.31
CA GLY B 302 25.35 -4.44 -13.32
C GLY B 302 25.44 -3.29 -12.38
N THR B 303 26.50 -3.34 -11.43
CA THR B 303 26.56 -2.49 -10.21
C THR B 303 26.04 -1.11 -10.31
N ARG B 304 26.54 -0.38 -11.30
CA ARG B 304 26.21 0.98 -11.61
C ARG B 304 24.75 1.20 -11.88
N ASN B 305 24.17 0.60 -12.88
CA ASN B 305 22.71 0.63 -13.10
C ASN B 305 21.85 0.21 -11.85
N GLY B 306 22.12 -0.98 -11.23
CA GLY B 306 21.50 -1.38 -10.07
C GLY B 306 21.35 -0.29 -8.96
N ILE B 307 22.48 0.45 -8.69
CA ILE B 307 22.58 1.55 -7.66
C ILE B 307 21.75 2.65 -8.21
N ASN B 308 21.64 2.95 -9.49
CA ASN B 308 20.99 4.14 -9.97
C ASN B 308 19.51 4.07 -9.69
N GLU B 309 19.03 2.89 -10.08
CA GLU B 309 17.74 2.39 -9.93
C GLU B 309 17.29 2.32 -8.54
N PHE B 310 18.14 2.01 -7.52
CA PHE B 310 17.80 2.00 -6.13
C PHE B 310 17.40 3.41 -5.71
N LEU B 311 18.25 4.39 -6.08
CA LEU B 311 18.08 5.83 -5.82
C LEU B 311 16.81 6.47 -6.38
N GLN B 312 16.45 6.02 -7.56
CA GLN B 312 15.23 6.48 -8.22
C GLN B 312 13.90 6.02 -7.62
N GLY B 313 14.00 4.81 -6.96
CA GLY B 313 12.95 4.19 -6.22
C GLY B 313 12.06 3.45 -7.15
N TYR B 314 12.47 3.37 -8.51
CA TYR B 314 11.68 2.80 -9.52
C TYR B 314 12.67 1.93 -10.26
N LEU B 315 12.04 0.71 -10.51
CA LEU B 315 12.62 -0.44 -11.14
C LEU B 315 12.03 -0.45 -12.48
N LYS B 316 12.86 -0.55 -13.56
CA LYS B 316 12.42 -0.43 -14.94
C LYS B 316 12.48 -1.73 -15.63
N ASP B 317 13.11 -2.67 -14.87
CA ASP B 317 13.30 -4.12 -15.20
C ASP B 317 12.13 -4.90 -14.59
N GLU B 318 11.52 -4.37 -13.50
CA GLU B 318 10.63 -5.17 -12.72
C GLU B 318 9.33 -4.45 -12.66
N ASN B 319 9.31 -3.13 -12.91
CA ASN B 319 8.22 -2.21 -12.96
C ASN B 319 7.74 -2.08 -11.55
N VAL B 320 8.57 -1.78 -10.46
CA VAL B 320 8.15 -1.67 -9.06
C VAL B 320 8.63 -0.34 -8.49
N ARG B 321 7.72 0.50 -7.89
CA ARG B 321 8.07 1.63 -7.08
C ARG B 321 8.11 1.03 -5.72
N PHE B 322 9.03 1.47 -4.80
CA PHE B 322 9.19 0.98 -3.45
C PHE B 322 9.63 2.02 -2.55
N ARG B 323 9.45 3.29 -2.96
CA ARG B 323 9.75 4.40 -2.05
C ARG B 323 9.21 5.64 -2.79
N PRO B 324 8.40 6.60 -2.34
CA PRO B 324 7.51 7.36 -3.22
C PRO B 324 8.16 8.63 -3.58
N TYR B 325 9.38 8.82 -3.06
CA TYR B 325 10.28 9.92 -3.31
C TYR B 325 11.70 9.33 -3.49
N GLU B 326 12.62 10.21 -4.01
CA GLU B 326 13.99 9.88 -4.51
C GLU B 326 14.91 10.13 -3.35
N ILE B 327 16.01 9.29 -3.32
CA ILE B 327 17.25 9.55 -2.56
C ILE B 327 17.98 10.75 -3.13
N ARG B 328 18.35 11.72 -2.25
CA ARG B 328 18.92 12.92 -2.69
C ARG B 328 20.00 13.31 -1.68
N PHE B 329 20.75 14.31 -2.16
CA PHE B 329 22.04 14.78 -1.48
C PHE B 329 22.11 16.29 -1.65
N THR B 330 23.04 16.89 -0.90
CA THR B 330 23.20 18.32 -0.67
C THR B 330 24.57 18.63 -1.14
N LYS B 331 24.81 19.61 -2.03
CA LYS B 331 26.16 19.97 -2.44
C LYS B 331 26.68 20.92 -1.36
N LEU B 332 26.82 22.21 -1.68
CA LEU B 332 27.37 23.26 -0.93
C LEU B 332 26.85 24.49 -1.61
N SER B 333 26.08 24.33 -2.73
CA SER B 333 25.62 25.49 -3.46
C SER B 333 24.12 25.57 -3.37
N GLU B 334 23.51 24.51 -2.80
CA GLU B 334 22.20 24.23 -2.36
C GLU B 334 22.06 24.53 -0.85
N ARG B 335 22.83 25.58 -0.37
CA ARG B 335 22.74 25.91 1.04
C ARG B 335 22.94 27.41 1.05
N VAL B 336 22.78 28.00 2.23
CA VAL B 336 23.28 29.24 2.60
C VAL B 336 24.35 28.90 3.60
N ASP B 337 25.62 29.31 3.32
CA ASP B 337 26.72 28.90 4.18
C ASP B 337 27.18 29.98 5.13
N VAL B 338 26.39 31.07 5.20
CA VAL B 338 26.71 32.33 5.88
C VAL B 338 27.21 32.12 7.30
N GLU B 339 28.19 32.97 7.74
CA GLU B 339 28.71 32.96 9.08
C GLU B 339 27.61 33.20 10.09
N ARG B 340 27.83 32.53 11.27
CA ARG B 340 26.95 32.62 12.44
C ARG B 340 27.84 32.92 13.64
N GLU B 341 27.26 33.53 14.70
CA GLU B 341 27.65 33.67 16.10
C GLU B 341 28.41 32.50 16.70
N THR B 342 29.54 32.78 17.44
CA THR B 342 30.50 31.86 18.13
C THR B 342 29.83 31.50 19.39
N LEU B 343 29.73 30.16 19.76
CA LEU B 343 29.01 29.62 20.90
C LEU B 343 30.00 29.69 21.91
N VAL B 344 31.22 29.06 21.63
CA VAL B 344 32.26 28.98 22.59
C VAL B 344 33.56 28.84 21.72
N GLU B 345 34.74 28.91 22.32
CA GLU B 345 36.04 28.73 21.68
C GLU B 345 36.83 27.96 22.67
N TYR B 346 37.84 27.16 22.20
CA TYR B 346 38.60 26.29 23.13
C TYR B 346 40.08 26.59 22.90
N PRO B 347 41.00 26.77 23.82
CA PRO B 347 42.41 26.92 23.46
C PRO B 347 42.97 25.55 23.12
N ARG B 348 44.35 25.55 22.94
CA ARG B 348 45.15 24.36 22.78
C ARG B 348 45.00 23.43 23.94
N LEU B 349 44.65 22.14 23.63
CA LEU B 349 44.60 21.15 24.73
C LEU B 349 45.54 20.13 24.29
N VAL B 350 46.02 19.31 25.24
CA VAL B 350 46.87 18.27 24.95
C VAL B 350 46.56 17.32 26.04
N LYS B 351 46.18 16.07 25.69
CA LYS B 351 45.91 14.97 26.59
C LYS B 351 46.86 13.83 26.32
N ASP B 352 47.64 13.36 27.31
CA ASP B 352 48.44 12.18 27.12
C ASP B 352 48.08 11.24 28.25
N TYR B 353 47.44 10.12 27.88
CA TYR B 353 47.26 9.01 28.83
C TYR B 353 48.49 8.39 29.17
N GLY B 354 49.41 8.32 28.16
CA GLY B 354 50.68 7.56 28.27
C GLY B 354 50.60 6.25 27.56
N SER B 355 49.64 6.07 26.68
CA SER B 355 49.32 4.98 25.76
C SER B 355 48.55 5.50 24.57
N PHE B 356 48.26 6.80 24.54
CA PHE B 356 48.08 7.53 23.31
C PHE B 356 48.31 9.01 23.73
N LYS B 357 48.80 9.85 22.76
CA LYS B 357 48.96 11.30 22.87
C LYS B 357 48.06 12.02 21.83
N LEU B 358 47.31 13.07 22.26
CA LEU B 358 46.54 13.95 21.52
C LEU B 358 46.95 15.38 21.80
N GLU B 359 46.98 16.22 20.72
CA GLU B 359 47.18 17.68 20.81
C GLU B 359 45.98 18.16 20.02
N VAL B 360 45.23 19.17 20.55
CA VAL B 360 44.08 19.70 19.91
C VAL B 360 44.50 21.11 19.64
N GLU B 361 44.50 21.61 18.34
CA GLU B 361 44.87 22.98 18.05
C GLU B 361 43.70 23.90 18.48
N PRO B 362 43.93 25.23 18.78
CA PRO B 362 42.93 26.23 19.07
C PRO B 362 41.78 26.28 18.08
N GLY B 363 40.49 26.41 18.53
CA GLY B 363 39.40 26.29 17.65
C GLY B 363 38.19 26.95 18.19
N GLU B 364 37.27 27.21 17.25
CA GLU B 364 36.03 27.99 17.44
C GLU B 364 35.00 26.97 17.29
N ILE B 365 33.90 27.08 18.09
CA ILE B 365 32.66 26.30 17.94
C ILE B 365 31.72 27.36 17.66
N ARG B 366 30.91 27.32 16.58
CA ARG B 366 29.77 28.07 16.19
C ARG B 366 28.52 27.31 16.46
N LYS B 367 27.49 28.10 16.73
CA LYS B 367 26.10 27.75 17.08
C LYS B 367 25.31 27.55 15.84
N GLY B 368 24.41 26.53 15.69
CA GLY B 368 23.57 26.42 14.54
C GLY B 368 24.10 25.59 13.35
N GLU B 369 25.24 24.89 13.57
CA GLU B 369 25.94 24.20 12.59
C GLU B 369 26.16 22.77 13.06
N VAL B 370 26.65 21.91 12.06
CA VAL B 370 26.80 20.48 12.25
C VAL B 370 28.14 20.18 11.67
N ILE B 371 28.95 19.74 12.68
CA ILE B 371 30.32 19.53 12.47
C ILE B 371 30.50 18.03 12.42
N GLY B 372 31.16 17.56 11.37
CA GLY B 372 31.50 16.16 11.14
C GLY B 372 32.89 15.95 11.57
N ILE B 373 33.16 14.84 12.21
CA ILE B 373 34.55 14.57 12.71
C ILE B 373 35.04 13.50 11.85
N VAL B 374 36.26 13.61 11.35
CA VAL B 374 36.75 12.54 10.43
C VAL B 374 38.19 12.19 10.78
N GLY B 375 38.55 10.92 10.53
CA GLY B 375 39.91 10.50 10.62
C GLY B 375 39.95 9.06 10.88
N PRO B 376 41.11 8.39 10.86
CA PRO B 376 41.19 6.95 11.29
C PRO B 376 41.14 6.65 12.76
N ASN B 377 40.54 5.53 13.12
CA ASN B 377 40.29 5.08 14.48
C ASN B 377 41.54 5.04 15.26
N GLY B 378 41.39 5.42 16.50
CA GLY B 378 42.46 5.57 17.55
C GLY B 378 43.29 6.75 17.44
N ILE B 379 42.85 7.72 16.58
CA ILE B 379 43.52 9.01 16.34
C ILE B 379 43.01 10.05 17.33
N GLY B 380 42.24 9.59 18.35
CA GLY B 380 41.74 10.48 19.40
C GLY B 380 40.65 11.45 18.99
N LYS B 381 39.77 11.06 18.10
CA LYS B 381 38.54 11.66 17.78
C LYS B 381 37.66 11.70 18.98
N THR B 382 37.60 10.44 19.56
CA THR B 382 37.03 9.97 20.78
C THR B 382 37.69 10.60 21.98
N THR B 383 39.07 10.65 22.07
CA THR B 383 39.71 11.35 23.19
C THR B 383 39.22 12.78 23.30
N PHE B 384 39.21 13.58 22.17
CA PHE B 384 38.61 14.96 22.15
C PHE B 384 37.15 14.97 22.65
N VAL B 385 36.29 14.16 22.04
CA VAL B 385 34.85 14.10 22.31
C VAL B 385 34.51 13.84 23.76
N LYS B 386 35.22 12.87 24.40
CA LYS B 386 35.24 12.56 25.80
C LYS B 386 35.77 13.61 26.70
N MET B 387 36.55 14.58 26.24
CA MET B 387 37.06 15.64 27.14
C MET B 387 36.00 16.62 27.38
N LEU B 388 35.17 16.96 26.37
CA LEU B 388 34.01 17.82 26.48
C LEU B 388 32.94 17.04 27.15
N ALA B 389 32.94 15.71 27.13
CA ALA B 389 31.80 14.94 27.61
C ALA B 389 31.74 14.74 29.04
N GLY B 390 32.89 14.83 29.69
CA GLY B 390 33.07 14.83 31.16
C GLY B 390 33.51 13.54 31.76
N VAL B 391 34.00 12.62 30.90
CA VAL B 391 34.35 11.30 31.39
C VAL B 391 35.84 11.14 31.49
N GLU B 392 36.47 12.25 31.01
CA GLU B 392 37.85 12.38 30.86
C GLU B 392 38.02 13.85 31.13
N GLU B 393 39.11 14.29 31.91
CA GLU B 393 39.34 15.65 32.36
C GLU B 393 40.52 15.99 31.54
N PRO B 394 40.57 17.12 30.83
CA PRO B 394 41.73 17.49 30.04
C PRO B 394 42.97 17.54 30.94
N THR B 395 44.19 17.16 30.43
CA THR B 395 45.42 17.28 31.24
C THR B 395 45.80 18.73 31.36
N GLU B 396 45.66 19.49 30.27
CA GLU B 396 45.87 20.87 30.10
C GLU B 396 44.79 21.45 29.20
N GLY B 397 44.43 22.71 29.43
CA GLY B 397 43.36 23.37 28.64
C GLY B 397 42.02 23.20 29.26
N LYS B 398 40.99 23.79 28.58
CA LYS B 398 39.69 23.82 29.07
C LYS B 398 38.76 23.68 27.97
N VAL B 399 37.81 22.74 28.21
CA VAL B 399 36.72 22.55 27.22
C VAL B 399 35.55 22.36 28.10
N GLU B 400 35.78 22.09 29.42
CA GLU B 400 34.69 21.69 30.23
C GLU B 400 34.13 22.94 30.83
N TRP B 401 33.00 23.36 30.26
CA TRP B 401 32.42 24.66 30.49
C TRP B 401 31.01 24.36 30.89
N ASP B 402 30.13 25.35 30.84
CA ASP B 402 28.73 25.41 31.30
C ASP B 402 27.81 25.13 30.12
N LEU B 403 28.39 24.54 29.07
CA LEU B 403 27.63 23.79 28.12
C LEU B 403 27.34 22.39 28.70
N THR B 404 26.08 22.00 28.52
CA THR B 404 25.65 20.63 28.78
C THR B 404 25.76 19.78 27.55
N VAL B 405 26.29 18.54 27.78
CA VAL B 405 26.73 17.72 26.71
C VAL B 405 25.91 16.53 26.88
N ALA B 406 25.51 16.10 25.67
CA ALA B 406 24.66 14.90 25.42
C ALA B 406 25.43 13.90 24.64
N TYR B 407 25.65 12.72 25.27
CA TYR B 407 26.74 11.86 24.84
C TYR B 407 26.28 10.45 24.41
N LYS B 408 26.42 10.11 23.11
CA LYS B 408 26.12 8.80 22.59
C LYS B 408 27.38 8.00 22.46
N PRO B 409 27.71 7.09 23.34
CA PRO B 409 29.01 6.30 23.42
C PRO B 409 29.23 5.39 22.16
N GLN B 410 30.42 4.92 21.94
CA GLN B 410 30.88 4.21 20.83
C GLN B 410 30.26 2.78 20.70
N TYR B 411 30.22 2.05 21.88
CA TYR B 411 29.56 0.77 21.91
C TYR B 411 28.16 1.05 22.36
N ILE B 412 27.35 -0.01 22.12
CA ILE B 412 26.04 -0.03 22.71
C ILE B 412 25.79 -1.31 23.37
N LYS B 413 25.43 -1.07 24.62
CA LYS B 413 25.10 -2.10 25.57
C LYS B 413 23.98 -1.47 26.41
N ALA B 414 23.07 -2.26 26.87
CA ALA B 414 21.91 -1.81 27.62
C ALA B 414 22.12 -2.17 29.05
N GLU B 415 21.52 -1.44 30.07
CA GLU B 415 21.63 -1.67 31.48
C GLU B 415 20.33 -1.19 32.18
N TYR B 416 19.36 -0.95 31.35
CA TYR B 416 18.13 -0.34 31.64
C TYR B 416 17.03 -1.35 31.78
N GLU B 417 16.47 -1.36 32.98
CA GLU B 417 15.25 -2.18 33.24
C GLU B 417 14.05 -1.29 32.96
N GLY B 418 13.11 -1.81 32.19
CA GLY B 418 12.02 -1.05 31.61
C GLY B 418 12.10 -0.76 30.13
N THR B 419 11.00 -0.26 29.63
CA THR B 419 10.73 -0.22 28.27
C THR B 419 11.49 0.88 27.55
N VAL B 420 11.43 0.96 26.17
CA VAL B 420 11.91 2.05 25.33
C VAL B 420 11.20 3.28 25.83
N TYR B 421 9.84 3.29 26.03
CA TYR B 421 9.13 4.49 26.55
C TYR B 421 9.51 5.00 27.88
N GLU B 422 9.90 4.19 28.90
CA GLU B 422 10.39 4.60 30.19
C GLU B 422 11.68 5.42 29.99
N LEU B 423 12.63 4.80 29.24
CA LEU B 423 13.95 5.30 29.03
C LEU B 423 13.93 6.71 28.45
N LEU B 424 13.16 6.91 27.38
CA LEU B 424 13.04 8.20 26.79
C LEU B 424 12.29 9.23 27.57
N SER B 425 11.09 8.77 28.13
CA SER B 425 10.18 9.59 28.88
C SER B 425 10.63 10.44 30.07
N LYS B 426 11.57 9.93 30.86
CA LYS B 426 12.19 10.59 31.94
C LYS B 426 13.18 11.64 31.50
N ILE B 427 13.47 11.76 30.19
CA ILE B 427 14.45 12.73 29.76
C ILE B 427 13.70 14.02 29.47
N ASP B 428 12.57 13.89 28.83
CA ASP B 428 11.89 15.02 28.35
C ASP B 428 10.69 14.32 27.68
N SER B 429 9.63 14.16 28.47
CA SER B 429 8.30 13.73 28.14
C SER B 429 7.78 14.62 27.03
N SER B 430 8.07 15.96 27.19
CA SER B 430 7.52 17.09 26.48
C SER B 430 7.79 16.94 24.97
N LYS B 431 9.09 16.65 24.62
CA LYS B 431 9.62 16.48 23.30
C LYS B 431 8.99 15.36 22.49
N LEU B 432 8.76 14.27 23.25
CA LEU B 432 8.12 13.05 22.72
C LEU B 432 6.77 13.40 22.12
N ASN B 433 6.07 14.36 22.70
CA ASN B 433 4.65 14.56 22.43
C ASN B 433 4.53 15.65 21.40
N SER B 434 5.67 16.35 21.02
CA SER B 434 5.59 17.46 20.04
C SER B 434 5.77 16.91 18.63
N ASN B 435 5.19 17.57 17.57
CA ASN B 435 4.99 17.11 16.21
C ASN B 435 6.25 17.03 15.42
N PHE B 436 7.25 17.85 15.78
CA PHE B 436 8.50 17.93 15.09
C PHE B 436 9.34 16.72 15.29
N TYR B 437 9.46 16.28 16.59
CA TYR B 437 10.30 15.19 16.99
C TYR B 437 9.61 13.95 16.46
N LYS B 438 8.24 14.01 16.30
CA LYS B 438 7.49 12.95 15.70
C LYS B 438 7.65 12.84 14.18
N THR B 439 7.87 13.99 13.47
CA THR B 439 8.00 13.92 11.99
C THR B 439 9.40 13.49 11.66
N GLU B 440 10.40 13.93 12.48
CA GLU B 440 11.80 13.95 12.11
C GLU B 440 12.56 12.87 12.75
N LEU B 441 12.11 12.29 13.92
CA LEU B 441 13.05 11.49 14.66
C LEU B 441 12.40 10.14 14.92
N LEU B 442 11.39 10.31 15.86
CA LEU B 442 10.70 9.11 16.29
C LEU B 442 10.04 8.22 15.32
N LYS B 443 9.17 8.80 14.49
CA LYS B 443 8.33 8.03 13.52
C LYS B 443 9.18 7.37 12.43
N PRO B 444 10.26 7.90 11.82
CA PRO B 444 10.83 7.24 10.68
C PRO B 444 11.92 6.22 11.04
N LEU B 445 12.20 6.13 12.34
CA LEU B 445 13.24 5.31 12.95
C LEU B 445 12.53 4.30 13.76
N GLY B 446 11.24 4.16 13.71
CA GLY B 446 10.47 3.08 14.17
C GLY B 446 10.12 2.91 15.57
N ILE B 447 10.13 3.97 16.33
CA ILE B 447 10.24 3.96 17.77
C ILE B 447 8.90 3.96 18.37
N ILE B 448 7.90 4.25 17.56
CA ILE B 448 6.58 4.34 17.98
C ILE B 448 6.17 2.90 18.15
N ASP B 449 6.50 2.09 17.16
CA ASP B 449 6.33 0.66 17.23
C ASP B 449 7.20 -0.15 18.19
N LEU B 450 8.03 0.50 19.05
CA LEU B 450 9.02 -0.14 19.82
C LEU B 450 8.86 0.04 21.26
N TYR B 451 7.97 0.93 21.70
CA TYR B 451 7.65 1.30 23.05
C TYR B 451 7.25 0.08 23.90
N ASP B 452 6.64 -0.97 23.32
CA ASP B 452 6.18 -2.23 24.00
C ASP B 452 7.24 -3.15 24.47
N ARG B 453 8.52 -3.14 23.99
CA ARG B 453 9.58 -4.09 24.42
C ARG B 453 10.53 -3.39 25.30
N ASN B 454 11.30 -4.14 26.12
CA ASN B 454 12.23 -3.60 27.04
C ASN B 454 13.50 -3.22 26.20
N VAL B 455 14.31 -2.34 26.72
CA VAL B 455 15.58 -1.92 26.16
C VAL B 455 16.54 -3.10 25.99
N GLU B 456 16.60 -3.96 27.01
CA GLU B 456 17.42 -5.17 26.95
C GLU B 456 16.95 -6.18 25.88
N ASP B 457 15.62 -6.11 25.52
CA ASP B 457 14.81 -6.90 24.55
C ASP B 457 14.70 -6.31 23.19
N LEU B 458 15.62 -5.35 22.88
CA LEU B 458 15.81 -4.79 21.62
C LEU B 458 17.10 -5.29 21.07
N SER B 459 17.17 -5.36 19.70
CA SER B 459 18.24 -5.93 18.99
C SER B 459 19.09 -4.74 18.55
N GLY B 460 20.39 -4.97 18.10
CA GLY B 460 21.35 -3.99 17.70
C GLY B 460 20.92 -2.86 16.86
N GLY B 461 20.26 -3.13 15.69
CA GLY B 461 19.87 -1.98 14.79
C GLY B 461 18.76 -1.16 15.39
N GLU B 462 17.74 -1.78 16.13
CA GLU B 462 16.58 -1.05 16.71
C GLU B 462 17.13 -0.18 17.83
N LEU B 463 17.84 -0.79 18.81
CA LEU B 463 18.58 -0.27 19.96
C LEU B 463 19.61 0.91 19.56
N GLN B 464 20.27 0.80 18.40
CA GLN B 464 21.09 1.85 17.91
C GLN B 464 20.29 3.13 17.66
N ARG B 465 19.15 2.94 16.96
CA ARG B 465 18.21 4.00 16.61
C ARG B 465 17.66 4.60 17.85
N VAL B 466 17.42 3.77 18.95
CA VAL B 466 16.91 4.11 20.22
C VAL B 466 17.95 4.92 20.98
N ALA B 467 19.29 4.61 20.91
CA ALA B 467 20.37 5.33 21.59
C ALA B 467 20.51 6.77 21.08
N ILE B 468 20.53 6.81 19.66
CA ILE B 468 20.60 8.01 18.88
C ILE B 468 19.54 8.97 19.19
N ALA B 469 18.29 8.51 19.22
CA ALA B 469 17.10 9.27 19.51
C ALA B 469 17.13 9.75 20.93
N ALA B 470 17.66 8.87 21.85
CA ALA B 470 17.83 9.25 23.21
C ALA B 470 18.76 10.43 23.47
N THR B 471 19.93 10.34 22.94
CA THR B 471 20.96 11.38 22.99
C THR B 471 20.32 12.73 22.42
N LEU B 472 19.71 12.67 21.26
CA LEU B 472 19.09 13.96 20.81
C LEU B 472 17.83 14.46 21.52
N LEU B 473 17.21 13.63 22.40
CA LEU B 473 16.13 14.12 23.22
C LEU B 473 16.60 14.55 24.51
N ARG B 474 17.94 14.46 24.77
CA ARG B 474 18.49 15.11 26.03
C ARG B 474 18.47 16.59 25.88
N ASP B 475 18.23 17.32 27.00
CA ASP B 475 18.28 18.75 27.05
C ASP B 475 19.68 19.22 27.16
N ALA B 476 20.32 19.68 26.06
CA ALA B 476 21.72 20.08 26.01
C ALA B 476 21.86 21.23 25.09
N ASP B 477 22.91 22.02 25.33
CA ASP B 477 23.56 23.01 24.54
C ASP B 477 24.23 22.40 23.36
N ILE B 478 24.97 21.23 23.51
CA ILE B 478 25.83 20.72 22.49
C ILE B 478 25.68 19.16 22.47
N TYR B 479 25.64 18.55 21.30
CA TYR B 479 25.22 17.15 21.21
C TYR B 479 26.56 16.48 20.69
N LEU B 480 26.92 15.34 21.34
CA LEU B 480 28.08 14.51 21.08
C LEU B 480 27.58 13.13 20.81
N LEU B 481 27.81 12.71 19.57
CA LEU B 481 27.54 11.33 19.08
C LEU B 481 28.85 10.81 18.57
N ASP B 482 29.33 9.77 19.26
CA ASP B 482 30.43 8.98 18.81
C ASP B 482 29.99 7.80 18.09
N GLU B 483 30.12 7.89 16.72
CA GLU B 483 29.99 6.83 15.78
C GLU B 483 28.64 6.18 15.78
N PRO B 484 27.56 6.89 15.22
CA PRO B 484 26.21 6.32 15.29
C PRO B 484 25.97 5.49 14.18
N SER B 485 26.95 5.54 13.20
CA SER B 485 26.86 4.90 11.90
C SER B 485 26.67 3.40 12.01
N ALA B 486 27.28 2.81 13.05
CA ALA B 486 27.32 1.38 13.25
C ALA B 486 25.90 0.77 13.34
N TYR B 487 25.83 -0.39 12.67
CA TYR B 487 24.64 -1.10 12.44
C TYR B 487 23.38 -0.32 12.04
N LEU B 488 23.56 0.52 11.06
CA LEU B 488 22.48 1.25 10.33
C LEU B 488 22.62 0.87 8.97
N ASP B 489 21.47 0.80 8.25
CA ASP B 489 21.35 0.53 6.83
C ASP B 489 21.18 1.89 6.12
N VAL B 490 21.16 1.78 4.75
CA VAL B 490 21.18 2.88 3.85
C VAL B 490 20.14 3.85 4.05
N GLU B 491 18.87 3.41 4.13
CA GLU B 491 17.64 4.19 4.42
C GLU B 491 17.72 4.69 5.83
N GLN B 492 18.26 3.88 6.78
CA GLN B 492 18.28 4.37 8.14
C GLN B 492 19.25 5.49 8.34
N ARG B 493 20.35 5.34 7.57
CA ARG B 493 21.55 6.18 7.64
C ARG B 493 21.17 7.54 7.18
N LEU B 494 20.47 7.56 6.07
CA LEU B 494 19.85 8.77 5.49
C LEU B 494 18.80 9.51 6.33
N ALA B 495 17.85 8.69 6.95
CA ALA B 495 16.88 9.21 7.92
C ALA B 495 17.44 9.88 9.14
N VAL B 496 18.52 9.31 9.67
CA VAL B 496 19.24 9.90 10.74
C VAL B 496 19.94 11.18 10.24
N SER B 497 20.30 11.23 8.96
CA SER B 497 20.93 12.41 8.47
C SER B 497 20.03 13.62 8.42
N ARG B 498 18.77 13.46 7.86
CA ARG B 498 17.72 14.42 7.70
C ARG B 498 17.23 14.91 9.04
N ALA B 499 17.16 14.05 10.11
CA ALA B 499 16.80 14.28 11.47
C ALA B 499 17.87 15.10 12.16
N ILE B 500 19.16 14.76 12.15
CA ILE B 500 20.17 15.56 12.66
C ILE B 500 20.18 16.93 12.06
N ARG B 501 19.99 17.03 10.70
CA ARG B 501 20.17 18.26 9.98
C ARG B 501 19.09 19.18 10.37
N HIS B 502 17.76 18.73 10.32
CA HIS B 502 16.63 19.56 10.62
C HIS B 502 16.65 20.03 12.05
N LEU B 503 16.83 19.14 13.05
CA LEU B 503 16.65 19.45 14.47
C LEU B 503 17.66 20.53 14.93
N MET B 504 18.97 20.39 14.53
CA MET B 504 20.10 21.26 14.78
C MET B 504 19.97 22.58 14.13
N GLU B 505 19.56 22.68 12.90
CA GLU B 505 19.31 23.90 12.19
C GLU B 505 18.15 24.72 12.72
N LYS B 506 16.98 24.09 13.00
CA LYS B 506 15.80 24.72 13.61
C LYS B 506 16.08 25.35 14.99
N ASN B 507 16.56 24.57 16.01
CA ASN B 507 16.87 25.24 17.25
C ASN B 507 18.25 25.89 17.42
N GLU B 508 19.03 25.93 16.28
CA GLU B 508 20.33 26.61 16.22
C GLU B 508 21.21 26.01 17.33
N LYS B 509 21.51 24.71 17.26
CA LYS B 509 22.36 24.12 18.30
C LYS B 509 23.44 23.34 17.53
N THR B 510 24.49 22.93 18.30
CA THR B 510 25.79 22.40 17.79
C THR B 510 25.65 20.95 17.99
N ALA B 511 26.23 20.16 17.11
CA ALA B 511 26.26 18.79 17.33
C ALA B 511 27.57 18.45 16.64
N LEU B 512 28.16 17.36 17.08
CA LEU B 512 29.37 16.78 16.62
C LEU B 512 28.93 15.38 16.34
N VAL B 513 29.21 14.90 15.10
CA VAL B 513 28.85 13.59 14.70
C VAL B 513 30.09 13.09 14.18
N VAL B 514 30.61 11.99 14.87
CA VAL B 514 31.91 11.45 14.45
C VAL B 514 31.44 10.50 13.37
N GLU B 515 32.17 10.52 12.21
CA GLU B 515 31.60 10.08 10.97
C GLU B 515 32.64 9.55 10.08
N HIS B 516 32.16 8.64 9.19
CA HIS B 516 33.15 7.77 8.48
C HIS B 516 32.40 7.23 7.30
N ASP B 517 31.04 7.31 7.30
CA ASP B 517 30.22 6.95 6.24
C ASP B 517 30.10 8.17 5.41
N VAL B 518 30.54 8.05 4.12
CA VAL B 518 30.64 9.10 3.13
C VAL B 518 29.35 9.90 2.95
N LEU B 519 28.12 9.32 2.93
CA LEU B 519 26.86 9.89 2.54
C LEU B 519 26.33 10.79 3.52
N MET B 520 26.56 10.50 4.83
CA MET B 520 25.99 11.24 5.98
C MET B 520 26.75 12.53 6.01
N ILE B 521 28.11 12.47 5.85
CA ILE B 521 29.03 13.56 5.77
C ILE B 521 28.62 14.40 4.63
N ASP B 522 28.28 13.83 3.49
CA ASP B 522 27.98 14.55 2.24
C ASP B 522 26.69 15.43 2.38
N TYR B 523 25.65 14.84 3.05
CA TYR B 523 24.46 15.61 3.40
C TYR B 523 24.58 16.65 4.53
N VAL B 524 25.09 16.21 5.70
CA VAL B 524 24.91 16.97 6.96
C VAL B 524 25.98 18.04 7.19
N SER B 525 27.14 17.93 6.55
CA SER B 525 28.29 18.63 7.19
C SER B 525 28.33 20.06 6.65
N ASP B 526 28.65 20.98 7.63
CA ASP B 526 28.70 22.43 7.50
C ASP B 526 30.09 22.67 7.73
N ARG B 527 30.72 21.95 8.66
CA ARG B 527 32.14 22.11 8.92
C ARG B 527 32.69 20.78 9.36
N LEU B 528 34.07 20.66 9.43
CA LEU B 528 34.76 19.36 9.44
C LEU B 528 35.90 19.54 10.41
N ILE B 529 36.33 18.45 11.07
CA ILE B 529 37.57 18.45 11.85
C ILE B 529 38.24 17.22 11.27
N VAL B 530 39.43 17.43 10.63
CA VAL B 530 40.25 16.39 9.99
C VAL B 530 41.30 16.20 11.13
N PHE B 531 41.58 14.88 11.25
CA PHE B 531 42.53 14.38 12.17
C PHE B 531 43.61 13.78 11.33
N GLU B 532 44.85 14.00 11.80
CA GLU B 532 46.09 13.43 11.29
C GLU B 532 47.08 13.06 12.38
N GLY B 533 48.25 12.48 11.91
CA GLY B 533 49.38 11.96 12.75
C GLY B 533 49.43 10.61 12.23
N GLU B 534 49.86 9.64 13.07
CA GLU B 534 50.11 8.26 12.86
C GLU B 534 49.18 7.62 13.88
N PRO B 535 47.99 6.95 13.62
CA PRO B 535 47.22 6.34 14.67
C PRO B 535 47.87 5.35 15.63
N GLY B 536 47.38 5.30 16.85
CA GLY B 536 47.82 4.45 17.91
C GLY B 536 49.08 4.98 18.65
N ARG B 537 49.44 6.25 18.32
CA ARG B 537 50.69 6.87 18.68
C ARG B 537 50.46 8.32 19.05
N HIS B 538 50.17 9.07 17.97
CA HIS B 538 49.95 10.47 18.14
C HIS B 538 48.87 10.85 17.22
N GLY B 539 48.06 11.89 17.64
CA GLY B 539 47.14 12.53 16.76
C GLY B 539 47.22 13.96 17.08
N ARG B 540 46.88 14.72 16.04
CA ARG B 540 46.95 16.15 15.95
C ARG B 540 45.64 16.43 15.35
N ALA B 541 44.73 17.05 16.10
CA ALA B 541 43.51 17.60 15.70
C ALA B 541 43.74 19.00 15.17
N LEU B 542 43.41 19.27 13.90
CA LEU B 542 43.62 20.49 13.17
C LEU B 542 42.32 21.23 13.39
N PRO B 543 42.27 22.56 13.45
CA PRO B 543 41.17 23.39 13.86
C PRO B 543 39.94 23.09 12.96
N PRO B 544 38.66 23.38 13.32
CA PRO B 544 37.52 23.29 12.32
C PRO B 544 37.68 24.07 11.07
N MET B 545 37.23 23.44 9.95
CA MET B 545 37.42 24.07 8.68
C MET B 545 36.23 23.70 7.83
N GLY B 546 35.95 24.45 6.71
CA GLY B 546 34.84 24.24 5.79
C GLY B 546 34.71 22.78 5.34
N MET B 547 33.47 22.31 5.00
CA MET B 547 33.23 20.93 4.54
C MET B 547 34.08 20.47 3.36
N ARG B 548 34.13 21.36 2.35
CA ARG B 548 34.88 21.04 1.09
C ARG B 548 36.33 20.99 1.41
N GLU B 549 36.94 22.07 2.07
CA GLU B 549 38.34 22.28 2.36
C GLU B 549 38.82 21.18 3.23
N GLY B 550 37.96 20.63 4.13
CA GLY B 550 38.21 19.43 4.93
C GLY B 550 38.27 18.16 4.19
N MET B 551 37.17 17.76 3.44
CA MET B 551 37.23 16.52 2.72
C MET B 551 38.37 16.55 1.70
N ASN B 552 38.77 17.80 1.20
CA ASN B 552 39.93 17.90 0.23
C ASN B 552 41.25 17.50 0.91
N ARG B 553 41.37 18.04 2.16
CA ARG B 553 42.58 18.02 2.90
C ARG B 553 42.93 16.62 3.29
N PHE B 554 41.89 15.92 3.70
CA PHE B 554 41.89 14.58 4.23
C PHE B 554 41.99 13.56 3.15
N LEU B 555 41.26 13.71 2.03
CA LEU B 555 41.19 12.73 0.94
C LEU B 555 42.52 12.61 0.37
N ALA B 556 43.31 13.72 0.41
CA ALA B 556 44.66 13.57 -0.20
C ALA B 556 45.64 12.59 0.54
N SER B 557 45.34 12.18 1.79
CA SER B 557 46.16 11.31 2.67
C SER B 557 45.64 9.92 2.51
N VAL B 558 44.61 9.67 1.65
CA VAL B 558 43.96 8.34 1.51
C VAL B 558 44.23 7.93 0.01
N GLY B 559 44.67 8.88 -0.85
CA GLY B 559 44.94 8.58 -2.20
C GLY B 559 43.73 8.46 -3.05
N ILE B 560 42.58 8.79 -2.53
CA ILE B 560 41.37 8.32 -3.14
C ILE B 560 40.61 9.59 -3.28
N THR B 561 40.19 9.81 -4.52
CA THR B 561 39.49 11.04 -5.03
C THR B 561 38.04 10.65 -5.30
N PHE B 562 37.12 11.68 -5.26
CA PHE B 562 35.70 11.53 -5.32
C PHE B 562 35.24 12.50 -6.26
N ARG B 563 34.31 12.01 -7.12
CA ARG B 563 33.63 12.73 -8.16
C ARG B 563 32.19 12.81 -7.68
N ARG B 564 31.27 13.21 -8.64
CA ARG B 564 29.85 13.41 -8.55
C ARG B 564 29.30 12.65 -9.73
N ASP B 565 28.50 11.56 -9.59
CA ASP B 565 28.07 10.62 -10.61
C ASP B 565 27.11 11.39 -11.54
N PRO B 566 26.93 11.05 -12.81
CA PRO B 566 26.30 11.95 -13.72
C PRO B 566 24.86 11.27 -13.93
N ASP B 567 24.63 10.02 -13.45
CA ASP B 567 23.39 9.32 -13.77
C ASP B 567 22.21 9.88 -12.94
N SER B 568 22.40 9.98 -11.60
CA SER B 568 21.28 10.47 -10.89
C SER B 568 21.80 11.23 -9.63
N GLY B 569 23.14 11.29 -9.43
CA GLY B 569 23.66 12.16 -8.40
C GLY B 569 23.87 11.35 -7.11
N ARG B 570 25.16 11.03 -6.87
CA ARG B 570 25.56 10.35 -5.68
C ARG B 570 27.05 10.57 -5.55
N PRO B 571 27.77 10.28 -4.42
CA PRO B 571 29.20 10.38 -4.36
C PRO B 571 29.79 9.23 -5.15
N ARG B 572 30.61 9.50 -6.17
CA ARG B 572 31.23 8.53 -6.99
C ARG B 572 32.62 8.48 -6.46
N ALA B 573 33.03 7.26 -6.07
CA ALA B 573 34.45 7.04 -5.68
C ALA B 573 35.11 6.72 -6.94
N ASN B 574 36.31 7.20 -7.19
CA ASN B 574 37.13 6.88 -8.33
C ASN B 574 38.22 5.90 -7.97
N LYS B 575 38.34 4.83 -8.82
CA LYS B 575 39.34 3.74 -8.68
C LYS B 575 40.70 4.32 -8.59
N GLU B 576 41.54 3.83 -7.67
CA GLU B 576 42.95 4.33 -7.53
C GLU B 576 43.65 3.78 -8.79
N GLY B 577 44.04 4.79 -9.60
CA GLY B 577 44.58 4.63 -10.91
C GLY B 577 43.43 4.70 -11.91
N SER B 578 43.03 5.97 -12.30
CA SER B 578 41.96 6.18 -13.26
C SER B 578 42.25 7.61 -13.72
N VAL B 579 41.39 8.08 -14.71
CA VAL B 579 41.47 9.39 -15.37
C VAL B 579 41.17 10.51 -14.46
N LYS B 580 40.04 10.35 -13.80
CA LYS B 580 39.50 11.21 -12.81
C LYS B 580 40.41 11.24 -11.51
N ASP B 581 40.91 10.04 -11.09
CA ASP B 581 41.82 9.91 -9.99
C ASP B 581 43.04 10.74 -10.19
N ARG B 582 43.63 10.72 -11.42
CA ARG B 582 44.85 11.37 -11.91
C ARG B 582 44.51 12.89 -12.04
N GLU B 583 43.42 13.26 -12.71
CA GLU B 583 43.06 14.70 -12.88
C GLU B 583 42.86 15.42 -11.54
N GLN B 584 42.08 14.81 -10.61
CA GLN B 584 41.90 15.43 -9.29
C GLN B 584 43.18 15.61 -8.48
N LYS B 585 44.04 14.59 -8.47
CA LYS B 585 45.18 14.59 -7.62
C LYS B 585 46.25 15.55 -8.12
N ALA B 586 46.43 15.64 -9.45
CA ALA B 586 47.28 16.63 -10.12
C ALA B 586 46.91 18.08 -9.89
N ARG B 587 45.56 18.40 -9.65
CA ARG B 587 45.01 19.72 -9.65
C ARG B 587 44.64 20.19 -8.22
N GLY B 588 45.00 19.42 -7.17
CA GLY B 588 45.03 19.76 -5.79
C GLY B 588 43.59 19.88 -5.27
N GLU B 589 42.61 19.34 -6.03
CA GLU B 589 41.23 19.42 -5.60
C GLU B 589 40.92 18.01 -5.66
N TYR B 590 40.62 17.47 -4.50
CA TYR B 590 40.59 16.04 -4.29
C TYR B 590 39.17 15.62 -3.91
N TYR B 591 38.18 16.38 -4.33
CA TYR B 591 36.88 16.12 -3.75
C TYR B 591 35.95 17.10 -4.46
N TYR B 592 34.71 16.64 -4.64
CA TYR B 592 33.64 17.47 -5.08
C TYR B 592 32.40 16.90 -4.27
N ALA B 593 31.48 17.87 -3.94
CA ALA B 593 30.28 17.58 -3.10
C ALA B 593 29.32 16.78 -4.03
#